data_6MFN
#
_entry.id   6MFN
#
_cell.length_a   66.948
_cell.length_b   104.212
_cell.length_c   152.858
_cell.angle_alpha   90.00
_cell.angle_beta   90.00
_cell.angle_gamma   90.00
#
_symmetry.space_group_name_H-M   'P 2 21 21'
#
loop_
_entity.id
_entity.type
_entity.pdbx_description
1 polymer 'Protein argonaute-2'
2 polymer "RNA (5'-R(P*UP*UP*CP*AP*CP*AP*GP*UP*G)-3')"
3 polymer "RNA (5'-R(P*UP*CP*UP*GP*UP*GP*AP*UP*AP*A)-3')"
4 non-polymer PHENOL
5 water water
#
loop_
_entity_poly.entity_id
_entity_poly.type
_entity_poly.pdbx_seq_one_letter_code
_entity_poly.pdbx_strand_id
1 'polypeptide(L)'
;MYSGAGPALAPPAPPPPIQGYAFKPPPRPDFGTSGRTIKLQANFFEMDIPKIDIYHYELDIKPEKCPRRVNREIVEHMVQ
HFKTQIFGDRKPVFDGRKNLYTAMPLPIGRDKVELEVTLPGEGKDRIFKVSIKWVSCVSLQALHDALSGRLPSVPFETIQ
ALDVVMRHLPSMRYTPVGRSFFTASEGCSNPLGGGREVWFGFHQSVRPSLWKMMLNIDVSATAFYKAQPVIEFVCEVLDF
KSIEEQQKPLTDSQRVKFTKEIKGLKVEITHCGQMKRKYRVCNVTRRPASHQTFPLQQESGQTVECTVAQYFKDRHKLVL
RYPHLPCLQVGQEQKHTYLPLEVCNIVAGQRCIKKLTDNQTSTMIRATARSAPDRQEEISKLMRSADFNTDPYVREFGIM
VKDEMTDVTGRVLQPPSILYGGRNKAIATPVQGVWDMRNKQFHTGIEIKVWAIACFAPQRQCTEVHLKSFTEQLRKISRD
AGMPIQGQPCFCKYAQGADSVEPMFRHLKNTYAGLQLVVVILPGKTPVYAEVKRVGDTVLGMATQCVQMKNVQRTTPQTL
SNLCLKINVKLGGVNNILLPQGRPPVFQQPVIFLGADVTHPPAGDGKKPSIAAVVGSMDAHPNRYCATVRVQQHRQEIIQ
DLAAMVRELLIQFYKSTRFKPTRIIFYRAGVSEGQFQQVLHHELLAIREACIKLEKDYQPGITFIVVQKRHHTRLFCTDK
NERVGKSGNIPAGTTVDTKITHPTEFDFYLCSHAGIQGTSRPSHYHVLWDDNRFSSDELQILTYQLCHTYVRCTRSVSIP
APAYYAHLVAFRARYHLVDKEHDAAEGDHTDGQANGRDHQALAKAVQVHQDTLRTMYFA
;
A
2 'polyribonucleotide' UUCACAGUGGCUAAGUUCCGC C
3 'polyribonucleotide' CUGGAACUUAAAUCUGUGAUAA E
#
# COMPACT_ATOMS: atom_id res chain seq x y z
N ALA A 22 14.59 -25.59 2.16
CA ALA A 22 13.84 -24.67 1.32
C ALA A 22 12.35 -24.99 1.34
N PHE A 23 11.85 -25.42 2.50
CA PHE A 23 10.45 -25.84 2.59
C PHE A 23 9.76 -25.23 3.82
N LYS A 24 10.37 -25.40 4.99
CA LYS A 24 9.75 -24.94 6.23
C LYS A 24 10.55 -23.84 6.91
N PRO A 25 9.90 -22.72 7.24
CA PRO A 25 10.53 -21.60 7.95
C PRO A 25 10.97 -22.01 9.35
N PRO A 26 12.08 -21.44 9.82
CA PRO A 26 12.67 -21.82 11.11
C PRO A 26 11.83 -21.39 12.30
N PRO A 27 11.94 -22.12 13.42
CA PRO A 27 11.25 -21.73 14.66
C PRO A 27 11.93 -20.52 15.29
N ARG A 28 11.19 -19.76 16.09
CA ARG A 28 11.78 -18.63 16.81
C ARG A 28 12.89 -19.15 17.72
N PRO A 29 14.11 -18.61 17.57
CA PRO A 29 15.26 -19.10 18.33
C PRO A 29 15.19 -18.73 19.81
N ASP A 30 14.71 -17.52 20.11
CA ASP A 30 14.59 -17.03 21.46
C ASP A 30 13.82 -15.70 21.47
N PHE A 31 13.71 -15.07 22.63
CA PHE A 31 13.08 -13.76 22.72
C PHE A 31 14.11 -12.68 23.04
N GLY A 32 14.01 -11.54 22.38
CA GLY A 32 14.95 -10.45 22.58
C GLY A 32 14.90 -9.85 23.98
N THR A 33 16.05 -9.37 24.46
CA THR A 33 16.14 -8.72 25.76
C THR A 33 16.86 -7.38 25.68
N SER A 34 17.20 -6.96 24.47
CA SER A 34 17.94 -5.72 24.25
C SER A 34 17.03 -4.49 24.28
N GLY A 35 17.60 -3.32 24.56
CA GLY A 35 16.84 -2.08 24.59
C GLY A 35 16.14 -1.85 25.93
N ARG A 36 15.38 -0.76 26.03
CA ARG A 36 14.66 -0.48 27.27
C ARG A 36 13.19 -0.81 27.13
N THR A 37 12.56 -1.32 28.18
CA THR A 37 11.15 -1.70 28.10
C THR A 37 10.24 -0.50 27.96
N ILE A 38 9.12 -0.70 27.27
CA ILE A 38 8.11 0.32 27.13
C ILE A 38 6.72 -0.34 27.10
N LYS A 39 5.80 0.20 27.89
CA LYS A 39 4.45 -0.35 27.94
C LYS A 39 3.66 0.05 26.70
N LEU A 40 3.09 -0.94 26.04
CA LEU A 40 2.33 -0.71 24.81
C LEU A 40 0.95 -1.33 24.83
N GLN A 41 0.11 -0.85 23.93
CA GLN A 41 -1.18 -1.47 23.65
C GLN A 41 -1.26 -1.78 22.16
N ALA A 42 -1.68 -2.99 21.84
CA ALA A 42 -1.82 -3.41 20.45
C ALA A 42 -3.29 -3.65 20.10
N ASN A 43 -3.64 -3.30 18.87
CA ASN A 43 -4.99 -3.49 18.34
C ASN A 43 -5.21 -4.94 17.94
N PHE A 44 -4.84 -5.84 18.84
CA PHE A 44 -5.15 -7.25 18.75
C PHE A 44 -6.03 -7.57 19.95
N PHE A 45 -7.13 -8.28 19.70
CA PHE A 45 -8.11 -8.52 20.74
C PHE A 45 -8.29 -10.01 20.96
N GLU A 46 -7.99 -10.44 22.18
CA GLU A 46 -7.95 -11.85 22.52
C GLU A 46 -9.27 -12.55 22.20
N MET A 47 -9.17 -13.72 21.57
CA MET A 47 -10.34 -14.51 21.18
C MET A 47 -10.45 -15.78 21.99
N ASP A 48 -11.66 -16.12 22.39
CA ASP A 48 -11.93 -17.39 23.03
C ASP A 48 -12.48 -18.35 21.99
N ILE A 49 -11.71 -19.39 21.68
CA ILE A 49 -12.06 -20.32 20.60
C ILE A 49 -12.17 -21.75 21.10
N PRO A 50 -13.27 -22.44 20.76
CA PRO A 50 -13.49 -23.82 21.20
C PRO A 50 -12.60 -24.81 20.45
N LYS A 51 -12.67 -26.08 20.85
CA LYS A 51 -11.82 -27.11 20.27
C LYS A 51 -12.63 -28.09 19.44
N ILE A 52 -13.84 -27.68 19.09
CA ILE A 52 -14.74 -28.51 18.29
C ILE A 52 -14.23 -28.66 16.86
N ASP A 53 -14.90 -29.51 16.09
CA ASP A 53 -14.56 -29.69 14.68
C ASP A 53 -15.56 -28.95 13.81
N ILE A 54 -15.05 -28.09 12.92
CA ILE A 54 -15.89 -27.38 11.96
C ILE A 54 -16.07 -28.28 10.73
N TYR A 55 -17.21 -28.15 10.06
CA TYR A 55 -17.45 -28.95 8.86
C TYR A 55 -17.46 -28.07 7.63
N HIS A 56 -16.56 -28.37 6.71
CA HIS A 56 -16.37 -27.59 5.50
C HIS A 56 -16.98 -28.26 4.29
N TYR A 57 -17.97 -27.59 3.70
CA TYR A 57 -18.66 -28.03 2.50
C TYR A 57 -18.37 -27.07 1.35
N GLU A 58 -18.40 -27.59 0.12
CA GLU A 58 -18.21 -26.77 -1.06
C GLU A 58 -19.55 -26.51 -1.76
N LEU A 59 -19.83 -25.25 -2.02
CA LEU A 59 -21.08 -24.88 -2.70
C LEU A 59 -20.83 -24.57 -4.17
N ASP A 60 -21.60 -25.22 -5.04
CA ASP A 60 -21.52 -24.95 -6.46
C ASP A 60 -22.88 -24.45 -6.96
N ILE A 61 -23.06 -23.13 -6.98
CA ILE A 61 -24.34 -22.54 -7.32
C ILE A 61 -24.37 -21.95 -8.74
N LYS A 62 -25.45 -22.24 -9.47
CA LYS A 62 -25.59 -21.77 -10.84
C LYS A 62 -26.90 -21.00 -11.04
N PRO A 63 -26.86 -19.89 -11.81
CA PRO A 63 -25.69 -19.28 -12.46
C PRO A 63 -24.67 -18.74 -11.47
N GLU A 64 -23.39 -18.80 -11.83
CA GLU A 64 -22.32 -18.64 -10.87
C GLU A 64 -21.62 -17.26 -10.94
N LYS A 65 -22.11 -16.38 -11.80
CA LYS A 65 -21.41 -15.11 -12.01
C LYS A 65 -22.13 -13.90 -11.39
N CYS A 66 -23.11 -14.15 -10.54
CA CYS A 66 -23.78 -13.08 -9.81
C CYS A 66 -22.88 -12.59 -8.66
N PRO A 67 -23.05 -11.33 -8.23
CA PRO A 67 -22.19 -10.74 -7.19
C PRO A 67 -22.21 -11.50 -5.87
N ARG A 68 -21.32 -11.10 -4.95
CA ARG A 68 -21.16 -11.81 -3.70
C ARG A 68 -22.37 -11.71 -2.78
N ARG A 69 -22.91 -10.50 -2.62
CA ARG A 69 -23.98 -10.29 -1.64
C ARG A 69 -25.26 -11.01 -2.01
N VAL A 70 -25.56 -11.10 -3.31
CA VAL A 70 -26.73 -11.85 -3.73
C VAL A 70 -26.48 -13.35 -3.58
N ASN A 71 -25.21 -13.76 -3.65
CA ASN A 71 -24.85 -15.13 -3.32
C ASN A 71 -25.15 -15.41 -1.85
N ARG A 72 -24.82 -14.44 -1.01
CA ARG A 72 -25.06 -14.56 0.42
C ARG A 72 -26.56 -14.60 0.71
N GLU A 73 -27.34 -13.83 -0.05
CA GLU A 73 -28.80 -13.85 0.09
C GLU A 73 -29.36 -15.20 -0.32
N ILE A 74 -28.84 -15.72 -1.44
CA ILE A 74 -29.24 -17.03 -1.96
C ILE A 74 -28.96 -18.12 -0.94
N VAL A 75 -27.75 -18.12 -0.39
CA VAL A 75 -27.35 -19.10 0.61
C VAL A 75 -28.23 -18.98 1.85
N GLU A 76 -28.48 -17.74 2.29
CA GLU A 76 -29.28 -17.50 3.49
C GLU A 76 -30.70 -18.04 3.33
N HIS A 77 -31.34 -17.71 2.21
CA HIS A 77 -32.67 -18.22 1.92
C HIS A 77 -32.66 -19.74 1.83
N MET A 78 -31.62 -20.28 1.20
CA MET A 78 -31.45 -21.73 1.09
C MET A 78 -31.41 -22.38 2.47
N VAL A 79 -30.77 -21.70 3.41
CA VAL A 79 -30.64 -22.19 4.78
C VAL A 79 -31.98 -22.14 5.51
N GLN A 80 -32.65 -20.99 5.44
CA GLN A 80 -33.90 -20.82 6.19
C GLN A 80 -35.12 -21.37 5.45
N HIS A 81 -34.90 -22.05 4.33
CA HIS A 81 -35.99 -22.72 3.62
C HIS A 81 -36.03 -24.20 3.98
N PHE A 82 -34.90 -24.88 3.82
CA PHE A 82 -34.81 -26.30 4.13
C PHE A 82 -34.40 -26.52 5.59
N LYS A 83 -35.08 -25.82 6.50
CA LYS A 83 -34.80 -25.94 7.92
C LYS A 83 -35.31 -27.26 8.48
N THR A 84 -36.53 -27.62 8.13
CA THR A 84 -37.14 -28.87 8.59
C THR A 84 -36.40 -30.08 8.03
N GLN A 85 -35.85 -29.91 6.83
CA GLN A 85 -35.24 -31.02 6.11
C GLN A 85 -33.76 -31.21 6.42
N ILE A 86 -32.99 -30.13 6.36
CA ILE A 86 -31.54 -30.25 6.44
C ILE A 86 -30.89 -29.46 7.59
N PHE A 87 -30.83 -28.14 7.42
CA PHE A 87 -30.00 -27.29 8.27
C PHE A 87 -30.46 -27.25 9.73
N GLY A 88 -31.76 -27.36 9.96
CA GLY A 88 -32.30 -27.41 11.31
C GLY A 88 -31.96 -26.21 12.17
N ASP A 89 -31.19 -26.45 13.24
CA ASP A 89 -30.82 -25.39 14.17
C ASP A 89 -29.46 -24.77 13.85
N ARG A 90 -28.74 -25.36 12.93
CA ARG A 90 -27.40 -24.91 12.60
C ARG A 90 -27.41 -23.61 11.79
N LYS A 91 -26.50 -22.70 12.13
CA LYS A 91 -26.36 -21.45 11.40
C LYS A 91 -25.00 -21.44 10.68
N PRO A 92 -24.98 -21.93 9.44
CA PRO A 92 -23.72 -22.02 8.68
C PRO A 92 -23.20 -20.66 8.26
N VAL A 93 -21.88 -20.57 8.04
CA VAL A 93 -21.30 -19.33 7.55
C VAL A 93 -20.80 -19.51 6.12
N PHE A 94 -20.71 -18.39 5.40
CA PHE A 94 -20.45 -18.42 3.97
C PHE A 94 -19.44 -17.34 3.59
N ASP A 95 -18.44 -17.71 2.79
CA ASP A 95 -17.37 -16.78 2.43
C ASP A 95 -17.74 -15.92 1.23
N GLY A 96 -18.92 -16.14 0.66
CA GLY A 96 -19.39 -15.36 -0.46
C GLY A 96 -19.17 -16.03 -1.80
N ARG A 97 -18.40 -17.12 -1.79
CA ARG A 97 -18.06 -17.83 -3.02
C ARG A 97 -18.58 -19.26 -3.03
N LYS A 98 -17.75 -20.19 -2.55
CA LYS A 98 -18.09 -21.61 -2.61
C LYS A 98 -17.94 -22.35 -1.28
N ASN A 99 -17.36 -21.69 -0.29
CA ASN A 99 -17.04 -22.34 0.97
C ASN A 99 -18.08 -22.11 2.07
N LEU A 100 -18.61 -23.21 2.60
CA LEU A 100 -19.58 -23.15 3.68
C LEU A 100 -19.05 -23.90 4.90
N TYR A 101 -19.30 -23.36 6.09
CA TYR A 101 -18.83 -24.02 7.31
C TYR A 101 -19.96 -24.17 8.32
N THR A 102 -19.99 -25.31 9.01
CA THR A 102 -20.99 -25.53 10.04
C THR A 102 -20.36 -26.01 11.34
N ALA A 103 -20.96 -25.64 12.48
CA ALA A 103 -20.48 -26.08 13.78
C ALA A 103 -20.80 -27.55 14.00
N MET A 104 -21.98 -27.96 13.56
CA MET A 104 -22.41 -29.36 13.65
C MET A 104 -22.57 -29.96 12.26
N PRO A 105 -22.36 -31.28 12.12
CA PRO A 105 -22.39 -31.91 10.80
C PRO A 105 -23.75 -31.79 10.11
N LEU A 106 -23.72 -31.81 8.78
CA LEU A 106 -24.93 -31.75 7.98
C LEU A 106 -25.33 -33.14 7.50
N PRO A 107 -26.64 -33.38 7.31
CA PRO A 107 -27.09 -34.62 6.66
C PRO A 107 -26.55 -34.71 5.25
N ILE A 108 -25.26 -35.06 5.15
CA ILE A 108 -24.55 -34.95 3.88
C ILE A 108 -23.69 -36.19 3.62
N GLY A 109 -23.30 -36.36 2.35
CA GLY A 109 -22.32 -37.35 1.97
C GLY A 109 -21.24 -36.66 1.17
N ARG A 110 -20.44 -37.45 0.45
CA ARG A 110 -19.47 -36.88 -0.46
C ARG A 110 -20.15 -36.43 -1.75
N ASP A 111 -21.28 -37.06 -2.05
CA ASP A 111 -22.05 -36.77 -3.26
C ASP A 111 -22.67 -35.37 -3.20
N LYS A 112 -22.48 -34.61 -4.27
CA LYS A 112 -23.10 -33.30 -4.40
C LYS A 112 -24.62 -33.40 -4.39
N VAL A 113 -25.26 -32.86 -3.37
CA VAL A 113 -26.72 -32.80 -3.38
C VAL A 113 -27.16 -31.53 -4.09
N GLU A 114 -28.15 -31.67 -4.96
CA GLU A 114 -28.60 -30.57 -5.81
C GLU A 114 -29.97 -30.05 -5.36
N LEU A 115 -30.04 -28.75 -5.12
CA LEU A 115 -31.27 -28.11 -4.69
C LEU A 115 -31.61 -26.95 -5.62
N GLU A 116 -32.79 -26.37 -5.43
CA GLU A 116 -33.18 -25.19 -6.20
C GLU A 116 -33.79 -24.15 -5.28
N VAL A 117 -33.23 -22.94 -5.30
CA VAL A 117 -33.71 -21.87 -4.44
C VAL A 117 -34.27 -20.71 -5.28
N THR A 118 -35.50 -20.32 -4.98
CA THR A 118 -36.15 -19.24 -5.71
C THR A 118 -35.98 -17.89 -5.01
N LEU A 119 -35.34 -16.95 -5.69
CA LEU A 119 -35.10 -15.63 -5.13
C LEU A 119 -36.15 -14.63 -5.64
N PRO A 120 -36.83 -13.94 -4.71
CA PRO A 120 -37.84 -12.95 -5.07
C PRO A 120 -37.23 -11.66 -5.61
N ILE A 127 -34.52 -17.90 -9.45
CA ILE A 127 -34.32 -19.35 -9.42
C ILE A 127 -32.86 -19.72 -9.68
N PHE A 128 -32.27 -20.43 -8.74
CA PHE A 128 -30.87 -20.86 -8.85
C PHE A 128 -30.69 -22.32 -8.43
N LYS A 129 -29.78 -23.01 -9.11
CA LYS A 129 -29.38 -24.35 -8.71
C LYS A 129 -28.28 -24.26 -7.67
N VAL A 130 -28.34 -25.11 -6.65
CA VAL A 130 -27.33 -25.12 -5.60
C VAL A 130 -26.81 -26.53 -5.33
N SER A 131 -25.57 -26.77 -5.71
CA SER A 131 -24.92 -28.04 -5.44
C SER A 131 -24.03 -27.92 -4.20
N ILE A 132 -24.24 -28.80 -3.23
CA ILE A 132 -23.40 -28.78 -2.03
C ILE A 132 -22.91 -30.18 -1.66
N LYS A 133 -21.59 -30.28 -1.42
CA LYS A 133 -20.98 -31.54 -1.06
C LYS A 133 -20.04 -31.35 0.13
N TRP A 134 -19.78 -32.43 0.86
CA TRP A 134 -18.87 -32.38 2.00
C TRP A 134 -17.43 -32.39 1.51
N VAL A 135 -16.63 -31.45 2.02
CA VAL A 135 -15.22 -31.40 1.69
C VAL A 135 -14.37 -32.01 2.79
N SER A 136 -14.32 -31.34 3.94
CA SER A 136 -13.42 -31.81 4.99
C SER A 136 -13.75 -31.31 6.38
N CYS A 137 -13.20 -32.00 7.39
CA CYS A 137 -13.33 -31.56 8.77
C CYS A 137 -12.14 -30.69 9.16
N VAL A 138 -12.45 -29.54 9.74
CA VAL A 138 -11.44 -28.59 10.19
C VAL A 138 -11.30 -28.68 11.72
N SER A 139 -10.18 -29.20 12.18
CA SER A 139 -9.96 -29.40 13.61
C SER A 139 -9.43 -28.15 14.29
N LEU A 140 -10.18 -27.65 15.26
CA LEU A 140 -9.75 -26.51 16.05
C LEU A 140 -8.83 -26.96 17.18
N GLN A 141 -8.90 -28.25 17.49
CA GLN A 141 -7.99 -28.83 18.47
C GLN A 141 -6.57 -28.74 17.97
N ALA A 142 -6.36 -29.08 16.70
CA ALA A 142 -5.05 -29.02 16.08
C ALA A 142 -4.53 -27.57 16.06
N LEU A 143 -5.46 -26.63 15.95
CA LEU A 143 -5.12 -25.22 15.98
C LEU A 143 -4.67 -24.81 17.38
N HIS A 144 -5.43 -25.23 18.39
CA HIS A 144 -5.03 -25.01 19.78
C HIS A 144 -3.64 -25.59 20.02
N ASP A 145 -3.38 -26.75 19.43
CA ASP A 145 -2.08 -27.39 19.49
C ASP A 145 -1.00 -26.53 18.86
N ALA A 146 -1.33 -25.92 17.71
CA ALA A 146 -0.39 -25.05 17.03
C ALA A 146 -0.05 -23.84 17.89
N LEU A 147 -1.04 -23.33 18.61
CA LEU A 147 -0.81 -22.21 19.52
C LEU A 147 0.07 -22.63 20.70
N SER A 148 -0.07 -23.88 21.12
CA SER A 148 0.75 -24.44 22.17
C SER A 148 2.03 -25.04 21.59
N GLY A 149 2.67 -25.93 22.34
CA GLY A 149 3.86 -26.59 21.86
C GLY A 149 3.59 -28.00 21.39
N ARG A 150 2.37 -28.24 20.92
CA ARG A 150 1.95 -29.56 20.50
C ARG A 150 2.19 -29.78 19.00
N LEU A 151 1.92 -28.77 18.20
CA LEU A 151 2.16 -28.85 16.76
C LEU A 151 3.10 -27.74 16.31
N PRO A 152 3.94 -28.02 15.29
CA PRO A 152 4.93 -27.07 14.80
C PRO A 152 4.37 -26.06 13.79
N SER A 153 3.32 -26.45 13.07
CA SER A 153 2.76 -25.60 12.03
C SER A 153 1.31 -25.22 12.33
N VAL A 154 0.94 -24.02 11.90
CA VAL A 154 -0.43 -23.55 12.07
C VAL A 154 -1.25 -23.82 10.81
N PRO A 155 -2.27 -24.68 10.92
CA PRO A 155 -3.14 -25.02 9.79
C PRO A 155 -3.90 -23.80 9.26
N PHE A 156 -3.75 -23.52 7.97
CA PHE A 156 -4.28 -22.30 7.37
C PHE A 156 -5.81 -22.29 7.24
N GLU A 157 -6.39 -23.42 6.87
CA GLU A 157 -7.83 -23.48 6.61
C GLU A 157 -8.62 -23.31 7.90
N THR A 158 -7.99 -23.55 9.03
CA THR A 158 -8.61 -23.24 10.32
C THR A 158 -8.76 -21.74 10.46
N ILE A 159 -7.68 -21.02 10.21
CA ILE A 159 -7.67 -19.56 10.29
C ILE A 159 -8.68 -18.97 9.31
N GLN A 160 -8.68 -19.50 8.10
CA GLN A 160 -9.59 -19.03 7.06
C GLN A 160 -11.04 -19.30 7.44
N ALA A 161 -11.32 -20.49 7.97
CA ALA A 161 -12.65 -20.84 8.42
C ALA A 161 -13.13 -19.88 9.51
N LEU A 162 -12.26 -19.64 10.49
CA LEU A 162 -12.56 -18.71 11.56
C LEU A 162 -12.86 -17.31 11.02
N ASP A 163 -12.10 -16.92 10.01
CA ASP A 163 -12.29 -15.62 9.38
C ASP A 163 -13.67 -15.55 8.73
N VAL A 164 -14.05 -16.61 8.03
CA VAL A 164 -15.35 -16.68 7.39
C VAL A 164 -16.46 -16.62 8.44
N VAL A 165 -16.25 -17.26 9.57
CA VAL A 165 -17.21 -17.20 10.68
C VAL A 165 -17.37 -15.78 11.18
N MET A 166 -16.26 -15.10 11.43
CA MET A 166 -16.30 -13.75 11.99
C MET A 166 -16.79 -12.70 10.98
N ARG A 167 -16.73 -13.02 9.69
CA ARG A 167 -17.08 -12.04 8.65
C ARG A 167 -18.48 -12.22 8.06
N HIS A 168 -19.15 -13.32 8.41
CA HIS A 168 -20.40 -13.68 7.75
C HIS A 168 -21.50 -12.63 7.87
N LEU A 169 -21.88 -12.31 9.11
CA LEU A 169 -22.93 -11.33 9.35
C LEU A 169 -22.53 -9.90 8.96
N PRO A 170 -21.30 -9.45 9.29
CA PRO A 170 -20.95 -8.08 8.87
C PRO A 170 -20.81 -7.92 7.35
N SER A 171 -20.69 -9.02 6.61
CA SER A 171 -20.63 -8.93 5.15
C SER A 171 -21.99 -8.59 4.55
N MET A 172 -23.05 -8.82 5.32
CA MET A 172 -24.40 -8.55 4.85
C MET A 172 -24.98 -7.32 5.52
N ARG A 173 -24.49 -7.01 6.71
CA ARG A 173 -24.98 -5.87 7.48
C ARG A 173 -24.28 -4.57 7.08
N TYR A 174 -22.99 -4.69 6.75
CA TYR A 174 -22.19 -3.53 6.37
C TYR A 174 -21.89 -3.51 4.88
N THR A 175 -21.19 -2.47 4.43
CA THR A 175 -20.78 -2.37 3.04
C THR A 175 -19.29 -2.67 2.88
N PRO A 176 -18.96 -3.86 2.38
CA PRO A 176 -17.58 -4.31 2.22
C PRO A 176 -16.79 -3.56 1.16
N VAL A 177 -15.69 -2.96 1.59
CA VAL A 177 -14.71 -2.39 0.67
C VAL A 177 -13.37 -3.06 0.96
N GLY A 178 -12.85 -3.78 -0.02
CA GLY A 178 -11.69 -4.62 0.20
C GLY A 178 -12.01 -5.67 1.24
N ARG A 179 -11.23 -5.70 2.33
CA ARG A 179 -11.54 -6.55 3.47
C ARG A 179 -11.84 -5.71 4.71
N SER A 180 -12.31 -4.50 4.47
CA SER A 180 -12.82 -3.64 5.52
C SER A 180 -14.33 -3.51 5.37
N PHE A 181 -15.03 -3.33 6.48
CA PHE A 181 -16.46 -3.16 6.45
C PHE A 181 -16.81 -1.72 6.79
N PHE A 182 -17.47 -1.03 5.85
CA PHE A 182 -17.79 0.37 6.02
C PHE A 182 -19.28 0.58 6.31
N THR A 183 -19.58 1.68 6.99
CA THR A 183 -20.95 2.04 7.29
C THR A 183 -21.11 3.55 7.47
N ALA A 184 -22.36 3.99 7.44
CA ALA A 184 -22.70 5.39 7.66
C ALA A 184 -22.36 5.82 9.09
N SER A 185 -21.89 7.05 9.23
CA SER A 185 -21.43 7.56 10.53
C SER A 185 -22.55 7.61 11.56
N GLU A 186 -22.16 7.60 12.83
CA GLU A 186 -23.10 7.67 13.96
C GLU A 186 -24.12 6.55 13.94
N ASN A 190 -20.99 13.12 8.60
CA ASN A 190 -19.77 13.72 8.06
C ASN A 190 -19.92 14.13 6.60
N PRO A 191 -20.45 15.35 6.37
CA PRO A 191 -20.66 15.87 5.02
C PRO A 191 -19.35 16.23 4.33
N LEU A 192 -19.32 16.07 3.00
CA LEU A 192 -18.13 16.36 2.23
C LEU A 192 -18.39 17.43 1.18
N GLY A 193 -19.67 17.61 0.82
CA GLY A 193 -20.04 18.52 -0.23
C GLY A 193 -20.13 17.78 -1.55
N GLY A 194 -21.04 18.21 -2.42
CA GLY A 194 -21.23 17.58 -3.72
C GLY A 194 -21.95 16.26 -3.61
N GLY A 195 -22.85 16.15 -2.63
CA GLY A 195 -23.62 14.93 -2.44
C GLY A 195 -22.77 13.79 -1.91
N ARG A 196 -21.65 14.11 -1.31
CA ARG A 196 -20.73 13.10 -0.80
C ARG A 196 -20.55 13.21 0.70
N GLU A 197 -20.26 12.08 1.34
CA GLU A 197 -20.11 12.02 2.78
C GLU A 197 -19.03 11.04 3.18
N VAL A 198 -18.49 11.19 4.39
CA VAL A 198 -17.49 10.25 4.88
C VAL A 198 -18.17 9.08 5.57
N TRP A 199 -17.85 7.87 5.14
CA TRP A 199 -18.28 6.68 5.86
C TRP A 199 -17.12 6.13 6.66
N PHE A 200 -17.43 5.56 7.82
CA PHE A 200 -16.39 5.00 8.66
C PHE A 200 -16.47 3.49 8.65
N GLY A 201 -15.30 2.86 8.59
CA GLY A 201 -15.24 1.43 8.50
C GLY A 201 -14.17 0.84 9.39
N PHE A 202 -14.08 -0.48 9.39
CA PHE A 202 -13.05 -1.15 10.16
C PHE A 202 -12.49 -2.35 9.42
N HIS A 203 -11.20 -2.59 9.58
CA HIS A 203 -10.58 -3.81 9.14
C HIS A 203 -10.63 -4.83 10.26
N GLN A 204 -10.88 -6.08 9.87
CA GLN A 204 -11.00 -7.19 10.79
C GLN A 204 -10.26 -8.39 10.21
N SER A 205 -9.41 -9.03 11.01
CA SER A 205 -8.74 -10.24 10.56
C SER A 205 -8.33 -11.13 11.73
N VAL A 206 -8.51 -12.43 11.55
CA VAL A 206 -8.12 -13.38 12.57
C VAL A 206 -6.65 -13.77 12.38
N ARG A 207 -5.87 -13.64 13.45
CA ARG A 207 -4.44 -13.92 13.40
C ARG A 207 -4.03 -14.88 14.51
N PRO A 208 -3.13 -15.81 14.19
CA PRO A 208 -2.59 -16.72 15.21
C PRO A 208 -1.49 -16.03 16.02
N SER A 209 -1.57 -16.16 17.35
CA SER A 209 -0.52 -15.64 18.22
C SER A 209 -0.18 -16.69 19.25
N LEU A 210 0.75 -16.35 20.13
CA LEU A 210 1.16 -17.26 21.19
C LEU A 210 0.01 -17.52 22.17
N TRP A 211 -0.22 -18.80 22.46
CA TRP A 211 -1.26 -19.28 23.37
C TRP A 211 -2.69 -18.98 22.93
N LYS A 212 -2.95 -17.76 22.48
CA LYS A 212 -4.31 -17.37 22.12
C LYS A 212 -4.44 -16.90 20.68
N MET A 213 -5.64 -17.03 20.13
CA MET A 213 -5.96 -16.47 18.83
C MET A 213 -6.34 -15.01 19.02
N MET A 214 -6.03 -14.18 18.03
CA MET A 214 -6.25 -12.75 18.15
C MET A 214 -7.12 -12.22 17.01
N LEU A 215 -7.94 -11.22 17.33
CA LEU A 215 -8.70 -10.51 16.32
C LEU A 215 -8.09 -9.12 16.13
N ASN A 216 -7.43 -8.93 14.99
CA ASN A 216 -6.84 -7.66 14.63
C ASN A 216 -7.89 -6.73 14.03
N ILE A 217 -8.10 -5.60 14.70
CA ILE A 217 -9.08 -4.61 14.27
C ILE A 217 -8.45 -3.24 14.09
N ASP A 218 -8.68 -2.62 12.94
CA ASP A 218 -8.21 -1.26 12.73
C ASP A 218 -9.36 -0.42 12.18
N VAL A 219 -9.23 0.90 12.22
CA VAL A 219 -10.29 1.74 11.68
C VAL A 219 -9.86 2.44 10.41
N SER A 220 -10.84 2.83 9.59
CA SER A 220 -10.57 3.57 8.37
C SER A 220 -11.77 4.41 7.98
N ALA A 221 -11.62 5.23 6.95
CA ALA A 221 -12.72 6.06 6.47
C ALA A 221 -12.61 6.26 4.96
N THR A 222 -13.73 6.46 4.29
CA THR A 222 -13.68 6.73 2.86
C THR A 222 -14.86 7.57 2.38
N ALA A 223 -14.85 7.90 1.10
CA ALA A 223 -15.88 8.75 0.52
C ALA A 223 -17.01 7.92 -0.11
N PHE A 224 -18.24 8.24 0.27
CA PHE A 224 -19.42 7.60 -0.29
C PHE A 224 -20.40 8.66 -0.79
N TYR A 225 -21.39 8.23 -1.55
CA TYR A 225 -22.48 9.12 -1.94
C TYR A 225 -23.62 9.00 -0.93
N LYS A 226 -24.20 10.14 -0.57
CA LYS A 226 -25.30 10.17 0.39
C LYS A 226 -26.53 9.43 -0.12
N ALA A 227 -27.29 8.84 0.80
CA ALA A 227 -28.56 8.21 0.45
C ALA A 227 -29.69 9.24 0.42
N GLN A 228 -29.49 10.30 -0.37
CA GLN A 228 -30.43 11.40 -0.44
C GLN A 228 -31.21 11.38 -1.76
N PRO A 229 -32.38 12.05 -1.78
CA PRO A 229 -33.11 12.21 -3.05
C PRO A 229 -32.25 12.91 -4.10
N VAL A 230 -32.46 12.56 -5.37
CA VAL A 230 -31.63 13.11 -6.46
C VAL A 230 -31.74 14.63 -6.52
N ILE A 231 -32.88 15.17 -6.10
CA ILE A 231 -33.08 16.60 -6.09
C ILE A 231 -32.18 17.30 -5.07
N GLU A 232 -32.05 16.71 -3.88
CA GLU A 232 -31.10 17.20 -2.89
C GLU A 232 -29.68 17.12 -3.47
N PHE A 233 -29.43 16.04 -4.21
CA PHE A 233 -28.14 15.83 -4.85
C PHE A 233 -27.81 16.96 -5.83
N VAL A 234 -28.78 17.38 -6.65
CA VAL A 234 -28.54 18.47 -7.59
C VAL A 234 -28.42 19.79 -6.84
N CYS A 235 -29.12 19.92 -5.71
CA CYS A 235 -29.00 21.13 -4.90
C CYS A 235 -27.61 21.24 -4.31
N GLU A 236 -26.97 20.09 -4.06
CA GLU A 236 -25.62 20.08 -3.51
C GLU A 236 -24.54 20.23 -4.58
N VAL A 237 -24.81 19.67 -5.76
CA VAL A 237 -23.85 19.73 -6.86
C VAL A 237 -23.88 21.09 -7.57
N LEU A 238 -25.07 21.66 -7.68
CA LEU A 238 -25.22 22.95 -8.36
C LEU A 238 -25.27 24.12 -7.37
N ASP A 239 -24.96 23.83 -6.11
CA ASP A 239 -24.91 24.85 -5.05
C ASP A 239 -26.24 25.60 -4.88
N PHE A 240 -27.30 24.85 -4.59
CA PHE A 240 -28.60 25.45 -4.29
C PHE A 240 -29.00 25.17 -2.85
N LYS A 241 -29.38 26.20 -2.11
CA LYS A 241 -29.90 25.98 -0.76
C LYS A 241 -31.27 25.33 -0.85
N SER A 242 -32.13 25.89 -1.69
CA SER A 242 -33.43 25.30 -1.98
C SER A 242 -33.54 25.06 -3.48
N ILE A 243 -34.36 24.08 -3.87
CA ILE A 243 -34.55 23.78 -5.27
C ILE A 243 -35.43 24.86 -5.92
N GLU A 244 -36.08 25.66 -5.08
CA GLU A 244 -36.88 26.80 -5.56
C GLU A 244 -36.00 27.91 -6.10
N GLU A 245 -34.70 27.81 -5.84
CA GLU A 245 -33.72 28.72 -6.42
C GLU A 245 -33.73 28.63 -7.94
N GLN A 246 -33.96 27.42 -8.46
CA GLN A 246 -34.06 27.21 -9.90
C GLN A 246 -35.50 27.00 -10.33
N GLN A 247 -36.19 28.10 -10.60
CA GLN A 247 -37.57 28.04 -11.05
C GLN A 247 -37.63 27.76 -12.56
N LYS A 248 -36.50 27.99 -13.22
CA LYS A 248 -36.39 27.82 -14.68
C LYS A 248 -35.58 26.58 -15.03
N PRO A 249 -35.64 26.14 -16.30
CA PRO A 249 -34.81 24.99 -16.73
C PRO A 249 -33.32 25.21 -16.48
N LEU A 250 -32.56 24.12 -16.45
CA LEU A 250 -31.11 24.20 -16.25
C LEU A 250 -30.41 24.65 -17.52
N THR A 251 -29.35 25.43 -17.36
CA THR A 251 -28.49 25.81 -18.48
C THR A 251 -27.73 24.59 -18.97
N ASP A 252 -27.07 24.71 -20.12
CA ASP A 252 -26.27 23.62 -20.65
C ASP A 252 -25.10 23.32 -19.71
N SER A 253 -24.54 24.37 -19.12
CA SER A 253 -23.44 24.23 -18.19
C SER A 253 -23.85 23.44 -16.94
N GLN A 254 -24.93 23.88 -16.31
CA GLN A 254 -25.47 23.22 -15.13
C GLN A 254 -25.79 21.75 -15.42
N ARG A 255 -26.49 21.53 -16.52
CA ARG A 255 -26.89 20.18 -16.90
C ARG A 255 -25.67 19.31 -17.16
N VAL A 256 -24.64 19.88 -17.76
CA VAL A 256 -23.42 19.12 -18.06
C VAL A 256 -22.68 18.74 -16.77
N LYS A 257 -22.57 19.67 -15.84
CA LYS A 257 -21.93 19.37 -14.56
C LYS A 257 -22.71 18.29 -13.80
N PHE A 258 -24.02 18.50 -13.68
CA PHE A 258 -24.87 17.51 -13.01
C PHE A 258 -24.77 16.14 -13.67
N THR A 259 -24.73 16.14 -15.00
CA THR A 259 -24.66 14.90 -15.76
C THR A 259 -23.37 14.17 -15.46
N LYS A 260 -22.23 14.86 -15.54
CA LYS A 260 -20.95 14.23 -15.28
C LYS A 260 -20.79 13.86 -13.81
N GLU A 261 -21.64 14.41 -12.95
CA GLU A 261 -21.58 14.06 -11.53
C GLU A 261 -22.47 12.87 -11.15
N ILE A 262 -23.60 12.68 -11.83
CA ILE A 262 -24.52 11.60 -11.45
C ILE A 262 -24.46 10.40 -12.40
N LYS A 263 -23.87 10.59 -13.57
CA LYS A 263 -23.78 9.51 -14.56
C LYS A 263 -22.96 8.34 -14.03
N GLY A 264 -23.54 7.15 -14.07
CA GLY A 264 -22.87 5.96 -13.56
C GLY A 264 -23.44 5.54 -12.22
N LEU A 265 -24.02 6.48 -11.48
CA LEU A 265 -24.56 6.20 -10.16
C LEU A 265 -25.90 5.47 -10.24
N LYS A 266 -26.14 4.59 -9.27
CA LYS A 266 -27.39 3.86 -9.21
C LYS A 266 -28.42 4.64 -8.39
N VAL A 267 -29.67 4.63 -8.85
CA VAL A 267 -30.77 5.30 -8.17
C VAL A 267 -31.90 4.31 -7.93
N GLU A 268 -32.78 4.62 -6.98
CA GLU A 268 -33.94 3.78 -6.74
C GLU A 268 -35.22 4.60 -6.70
N ILE A 269 -36.30 4.04 -7.23
CA ILE A 269 -37.56 4.75 -7.34
C ILE A 269 -38.34 4.71 -6.04
N THR A 270 -39.27 5.65 -5.87
CA THR A 270 -40.00 5.78 -4.63
C THR A 270 -41.52 5.85 -4.87
N HIS A 271 -41.97 5.36 -6.02
CA HIS A 271 -43.38 5.46 -6.37
C HIS A 271 -44.05 4.10 -6.62
N CYS A 272 -43.55 3.07 -5.93
CA CYS A 272 -44.12 1.73 -6.06
C CYS A 272 -44.14 1.00 -4.71
N LYS A 276 -38.14 0.64 -4.33
CA LYS A 276 -38.24 -0.65 -4.98
C LYS A 276 -37.12 -0.86 -6.00
N ARG A 277 -37.46 -0.76 -7.28
CA ARG A 277 -36.53 -1.09 -8.35
C ARG A 277 -35.31 -0.16 -8.41
N LYS A 278 -34.16 -0.75 -8.70
CA LYS A 278 -32.91 -0.01 -8.85
C LYS A 278 -32.53 0.13 -10.32
N TYR A 279 -32.01 1.30 -10.68
CA TYR A 279 -31.61 1.59 -12.05
C TYR A 279 -30.23 2.22 -12.07
N ARG A 280 -29.51 2.07 -13.17
CA ARG A 280 -28.22 2.74 -13.32
C ARG A 280 -28.34 3.86 -14.34
N VAL A 281 -27.90 5.06 -13.94
CA VAL A 281 -28.01 6.24 -14.78
C VAL A 281 -26.96 6.24 -15.89
N CYS A 282 -27.41 6.30 -17.13
CA CYS A 282 -26.49 6.34 -18.26
C CYS A 282 -26.39 7.73 -18.87
N ASN A 283 -27.39 8.57 -18.63
CA ASN A 283 -27.38 9.95 -19.12
C ASN A 283 -28.47 10.84 -18.51
N VAL A 284 -28.35 12.14 -18.75
CA VAL A 284 -29.36 13.10 -18.32
C VAL A 284 -29.96 13.80 -19.54
N THR A 285 -31.29 13.80 -19.64
CA THR A 285 -31.96 14.34 -20.82
C THR A 285 -31.70 15.83 -20.97
N ARG A 286 -31.63 16.29 -22.23
CA ARG A 286 -31.50 17.70 -22.52
C ARG A 286 -32.79 18.43 -22.15
N ARG A 287 -33.91 17.80 -22.48
CA ARG A 287 -35.22 18.41 -22.28
C ARG A 287 -35.73 18.16 -20.87
N PRO A 288 -36.55 19.11 -20.35
CA PRO A 288 -37.18 18.91 -19.03
C PRO A 288 -38.27 17.85 -19.09
N ALA A 289 -38.70 17.37 -17.92
CA ALA A 289 -39.68 16.29 -17.84
C ALA A 289 -41.00 16.64 -18.52
N SER A 290 -41.28 17.94 -18.64
CA SER A 290 -42.51 18.40 -19.26
C SER A 290 -42.46 18.33 -20.78
N HIS A 291 -41.30 18.04 -21.34
CA HIS A 291 -41.15 17.97 -22.79
C HIS A 291 -40.43 16.73 -23.27
N GLN A 292 -39.69 16.07 -22.38
CA GLN A 292 -39.03 14.82 -22.75
C GLN A 292 -40.07 13.74 -23.03
N THR A 293 -40.05 13.22 -24.25
CA THR A 293 -41.01 12.22 -24.67
C THR A 293 -40.39 10.83 -24.76
N PHE A 294 -41.26 9.82 -24.80
CA PHE A 294 -40.87 8.45 -25.04
C PHE A 294 -42.02 7.75 -25.74
N PRO A 295 -41.73 6.68 -26.49
CA PRO A 295 -42.81 5.94 -27.15
C PRO A 295 -43.60 5.07 -26.16
N LEU A 296 -44.72 5.61 -25.67
CA LEU A 296 -45.58 4.88 -24.75
C LEU A 296 -46.29 3.74 -25.47
N GLN A 297 -46.03 2.52 -25.02
CA GLN A 297 -46.71 1.34 -25.56
C GLN A 297 -48.04 1.11 -24.85
N GLN A 298 -49.12 1.24 -25.59
CA GLN A 298 -50.47 1.14 -25.02
C GLN A 298 -50.94 -0.31 -24.96
N GLU A 299 -52.13 -0.52 -24.41
CA GLU A 299 -52.68 -1.87 -24.25
C GLU A 299 -53.00 -2.51 -25.60
N SER A 300 -53.40 -1.68 -26.56
CA SER A 300 -53.70 -2.15 -27.91
C SER A 300 -52.46 -2.69 -28.61
N GLY A 301 -51.30 -2.12 -28.31
CA GLY A 301 -50.05 -2.53 -28.94
C GLY A 301 -49.49 -1.38 -29.75
N GLN A 302 -50.29 -0.33 -29.88
CA GLN A 302 -49.89 0.88 -30.57
C GLN A 302 -49.01 1.76 -29.70
N THR A 303 -48.05 2.45 -30.33
CA THR A 303 -47.18 3.35 -29.58
C THR A 303 -47.58 4.80 -29.84
N VAL A 304 -47.54 5.60 -28.79
CA VAL A 304 -47.84 7.03 -28.90
C VAL A 304 -46.81 7.81 -28.10
N GLU A 305 -46.25 8.86 -28.69
CA GLU A 305 -45.26 9.65 -27.97
C GLU A 305 -45.90 10.37 -26.80
N CYS A 306 -45.30 10.20 -25.62
CA CYS A 306 -45.84 10.75 -24.39
C CYS A 306 -44.72 11.35 -23.56
N THR A 307 -44.96 12.50 -22.94
CA THR A 307 -43.95 13.11 -22.09
C THR A 307 -43.86 12.36 -20.77
N VAL A 308 -42.72 12.47 -20.10
CA VAL A 308 -42.53 11.81 -18.81
C VAL A 308 -43.52 12.35 -17.78
N ALA A 309 -43.69 13.67 -17.75
CA ALA A 309 -44.60 14.32 -16.82
C ALA A 309 -46.03 13.83 -17.02
N GLN A 310 -46.44 13.74 -18.28
CA GLN A 310 -47.76 13.26 -18.62
C GLN A 310 -47.98 11.84 -18.12
N TYR A 311 -47.03 10.96 -18.41
CA TYR A 311 -47.11 9.57 -18.00
C TYR A 311 -47.22 9.45 -16.49
N PHE A 312 -46.39 10.18 -15.76
CA PHE A 312 -46.42 10.11 -14.30
C PHE A 312 -47.70 10.73 -13.72
N LYS A 313 -48.30 11.64 -14.46
CA LYS A 313 -49.56 12.24 -14.02
C LYS A 313 -50.74 11.30 -14.23
N ASP A 314 -50.73 10.60 -15.37
CA ASP A 314 -51.83 9.71 -15.72
C ASP A 314 -51.71 8.33 -15.10
N ARG A 315 -50.54 7.70 -15.29
CA ARG A 315 -50.32 6.34 -14.82
C ARG A 315 -50.17 6.28 -13.30
N HIS A 316 -49.26 7.09 -12.76
CA HIS A 316 -48.92 7.02 -11.35
C HIS A 316 -49.58 8.13 -10.53
N LYS A 317 -50.43 8.91 -11.18
CA LYS A 317 -51.13 10.03 -10.53
C LYS A 317 -50.18 10.93 -9.76
N LEU A 318 -48.99 11.13 -10.31
CA LEU A 318 -47.98 11.97 -9.70
C LEU A 318 -47.77 13.25 -10.52
N VAL A 319 -48.31 14.35 -10.02
CA VAL A 319 -48.06 15.65 -10.63
C VAL A 319 -46.68 16.13 -10.19
N LEU A 320 -45.73 16.11 -11.12
CA LEU A 320 -44.36 16.52 -10.82
C LEU A 320 -44.31 17.95 -10.33
N ARG A 321 -43.71 18.15 -9.15
CA ARG A 321 -43.63 19.48 -8.57
C ARG A 321 -42.51 20.30 -9.21
N TYR A 322 -41.59 19.63 -9.90
CA TYR A 322 -40.52 20.32 -10.62
C TYR A 322 -40.33 19.76 -12.04
N PRO A 323 -41.30 20.04 -12.94
CA PRO A 323 -41.28 19.51 -14.30
C PRO A 323 -40.29 20.24 -15.23
N HIS A 324 -39.74 21.35 -14.74
CA HIS A 324 -38.80 22.13 -15.52
C HIS A 324 -37.39 21.55 -15.46
N LEU A 325 -37.18 20.58 -14.59
CA LEU A 325 -35.90 19.90 -14.49
C LEU A 325 -35.82 18.72 -15.45
N PRO A 326 -34.61 18.36 -15.89
CA PRO A 326 -34.45 17.22 -16.81
C PRO A 326 -34.71 15.87 -16.14
N CYS A 327 -34.56 14.79 -16.91
CA CYS A 327 -34.76 13.45 -16.42
C CYS A 327 -33.46 12.66 -16.42
N LEU A 328 -33.41 11.61 -15.60
CA LEU A 328 -32.33 10.65 -15.62
C LEU A 328 -32.63 9.56 -16.65
N GLN A 329 -31.76 9.39 -17.62
CA GLN A 329 -31.91 8.28 -18.55
C GLN A 329 -31.29 7.03 -17.92
N VAL A 330 -32.11 6.03 -17.68
CA VAL A 330 -31.64 4.78 -17.08
C VAL A 330 -31.79 3.63 -18.07
N GLY A 331 -31.62 2.41 -17.58
CA GLY A 331 -31.67 1.24 -18.44
C GLY A 331 -30.48 1.23 -19.37
N GLN A 332 -30.73 1.19 -20.68
CA GLN A 332 -29.64 1.22 -21.65
C GLN A 332 -30.06 1.79 -23.00
N GLU A 333 -29.15 2.57 -23.58
CA GLU A 333 -29.23 3.00 -24.99
C GLU A 333 -30.61 3.55 -25.41
N GLN A 334 -31.18 2.97 -26.45
CA GLN A 334 -32.46 3.42 -26.98
C GLN A 334 -33.64 2.60 -26.47
N LYS A 335 -33.75 2.47 -25.15
CA LYS A 335 -34.94 1.87 -24.56
C LYS A 335 -35.84 2.97 -24.00
N HIS A 336 -35.32 4.20 -24.05
CA HIS A 336 -36.08 5.39 -23.65
C HIS A 336 -36.72 5.25 -22.28
N THR A 337 -35.94 4.84 -21.29
CA THR A 337 -36.45 4.77 -19.93
C THR A 337 -35.95 5.98 -19.16
N TYR A 338 -36.87 6.92 -18.91
CA TYR A 338 -36.52 8.18 -18.27
C TYR A 338 -37.22 8.31 -16.92
N LEU A 339 -36.47 8.75 -15.92
CA LEU A 339 -37.01 8.91 -14.57
C LEU A 339 -36.86 10.34 -14.09
N PRO A 340 -37.97 10.98 -13.70
CA PRO A 340 -37.93 12.34 -13.16
C PRO A 340 -37.15 12.37 -11.84
N LEU A 341 -36.48 13.48 -11.56
CA LEU A 341 -35.56 13.56 -10.44
C LEU A 341 -36.25 13.38 -9.09
N GLU A 342 -37.47 13.90 -8.97
CA GLU A 342 -38.17 13.93 -7.69
C GLU A 342 -38.70 12.57 -7.25
N VAL A 343 -38.42 11.54 -8.02
CA VAL A 343 -38.89 10.20 -7.68
C VAL A 343 -37.73 9.24 -7.46
N CYS A 344 -36.51 9.77 -7.51
CA CYS A 344 -35.32 8.94 -7.39
C CYS A 344 -34.47 9.30 -6.18
N ASN A 345 -33.94 8.27 -5.52
CA ASN A 345 -32.95 8.47 -4.47
C ASN A 345 -31.62 7.84 -4.85
N ILE A 346 -30.53 8.54 -4.57
CA ILE A 346 -29.20 7.95 -4.70
C ILE A 346 -29.09 6.77 -3.74
N VAL A 347 -28.85 5.57 -4.29
CA VAL A 347 -28.79 4.37 -3.45
C VAL A 347 -27.55 4.40 -2.57
N ALA A 348 -27.71 3.94 -1.33
CA ALA A 348 -26.61 3.95 -0.36
C ALA A 348 -25.65 2.80 -0.62
N GLY A 349 -24.37 3.04 -0.32
CA GLY A 349 -23.39 1.99 -0.40
C GLY A 349 -22.51 2.03 -1.64
N GLN A 350 -22.53 3.16 -2.35
CA GLN A 350 -21.64 3.32 -3.50
C GLN A 350 -20.56 4.35 -3.21
N ARG A 351 -19.32 3.87 -3.10
CA ARG A 351 -18.18 4.70 -2.79
C ARG A 351 -17.81 5.62 -3.95
N CYS A 352 -17.46 6.86 -3.63
CA CYS A 352 -17.02 7.81 -4.64
C CYS A 352 -15.54 7.61 -4.97
N ILE A 353 -15.25 7.21 -6.20
CA ILE A 353 -13.88 7.01 -6.65
C ILE A 353 -13.38 8.26 -7.37
N LYS A 354 -14.32 9.10 -7.81
CA LYS A 354 -13.99 10.38 -8.44
C LYS A 354 -13.12 11.22 -7.50
N LYS A 355 -12.18 11.98 -8.07
CA LYS A 355 -11.34 12.85 -7.25
C LYS A 355 -12.20 13.99 -6.69
N LEU A 356 -11.90 14.40 -5.47
CA LEU A 356 -12.76 15.32 -4.75
C LEU A 356 -12.17 16.72 -4.66
N THR A 357 -13.00 17.68 -4.26
CA THR A 357 -12.54 19.04 -4.03
C THR A 357 -11.58 19.06 -2.85
N ASP A 358 -10.67 20.04 -2.83
CA ASP A 358 -9.63 20.10 -1.82
C ASP A 358 -10.18 20.44 -0.43
N ASN A 359 -11.38 21.00 -0.39
CA ASN A 359 -12.08 21.22 0.88
C ASN A 359 -12.56 19.89 1.43
N GLN A 360 -13.26 19.16 0.56
CA GLN A 360 -13.70 17.81 0.82
C GLN A 360 -12.52 16.90 1.13
N THR A 361 -11.44 17.05 0.36
CA THR A 361 -10.23 16.28 0.59
C THR A 361 -9.61 16.67 1.93
N SER A 362 -9.76 17.93 2.33
CA SER A 362 -9.22 18.40 3.61
C SER A 362 -9.92 17.75 4.79
N THR A 363 -11.26 17.81 4.77
CA THR A 363 -12.04 17.16 5.83
C THR A 363 -11.80 15.65 5.83
N MET A 364 -11.66 15.11 4.62
CA MET A 364 -11.30 13.70 4.45
C MET A 364 -10.00 13.40 5.18
N ILE A 365 -9.02 14.28 5.03
CA ILE A 365 -7.73 14.14 5.69
C ILE A 365 -7.91 14.20 7.21
N ARG A 366 -8.77 15.11 7.65
CA ARG A 366 -9.13 15.19 9.07
C ARG A 366 -9.61 13.84 9.59
N ALA A 367 -10.45 13.18 8.81
CA ALA A 367 -11.06 11.93 9.23
C ALA A 367 -10.12 10.73 9.17
N THR A 368 -9.31 10.64 8.13
CA THR A 368 -8.55 9.42 7.86
C THR A 368 -7.18 9.35 8.52
N ALA A 369 -6.60 10.50 8.87
CA ALA A 369 -5.25 10.52 9.42
C ALA A 369 -5.19 11.09 10.83
N ARG A 370 -5.88 10.44 11.77
CA ARG A 370 -5.87 10.88 13.15
C ARG A 370 -4.52 10.61 13.82
N SER A 371 -4.22 11.37 14.86
CA SER A 371 -3.03 11.12 15.67
C SER A 371 -3.15 9.78 16.37
N ALA A 372 -2.02 9.28 16.86
CA ALA A 372 -1.98 7.96 17.49
C ALA A 372 -2.97 7.81 18.66
N PRO A 373 -3.02 8.78 19.59
CA PRO A 373 -4.00 8.59 20.67
C PRO A 373 -5.44 8.64 20.14
N ASP A 374 -5.71 9.47 19.15
CA ASP A 374 -7.04 9.56 18.57
C ASP A 374 -7.47 8.23 17.93
N ARG A 375 -6.58 7.63 17.14
CA ARG A 375 -6.86 6.33 16.53
C ARG A 375 -7.04 5.26 17.61
N GLN A 376 -6.17 5.30 18.62
CA GLN A 376 -6.25 4.39 19.75
C GLN A 376 -7.63 4.43 20.39
N GLU A 377 -8.10 5.65 20.64
CA GLU A 377 -9.40 5.88 21.26
C GLU A 377 -10.53 5.42 20.35
N GLU A 378 -10.37 5.60 19.04
CA GLU A 378 -11.38 5.19 18.08
C GLU A 378 -11.54 3.68 18.07
N ILE A 379 -10.42 2.98 17.97
CA ILE A 379 -10.45 1.53 17.99
C ILE A 379 -11.05 1.04 19.31
N SER A 380 -10.56 1.60 20.42
CA SER A 380 -11.05 1.24 21.75
C SER A 380 -12.56 1.42 21.88
N LYS A 381 -13.08 2.52 21.34
CA LYS A 381 -14.52 2.80 21.39
C LYS A 381 -15.30 1.78 20.56
N LEU A 382 -14.81 1.56 19.35
CA LEU A 382 -15.39 0.57 18.46
C LEU A 382 -15.54 -0.77 19.17
N MET A 383 -14.47 -1.24 19.79
CA MET A 383 -14.46 -2.56 20.41
C MET A 383 -15.18 -2.60 21.75
N ARG A 384 -15.32 -1.45 22.41
CA ARG A 384 -16.08 -1.42 23.65
C ARG A 384 -17.57 -1.42 23.31
N SER A 385 -17.91 -1.09 22.07
CA SER A 385 -19.29 -1.20 21.61
C SER A 385 -19.43 -2.18 20.45
N ALA A 386 -18.71 -3.30 20.52
CA ALA A 386 -18.64 -4.23 19.40
C ALA A 386 -19.80 -5.22 19.36
N ASP A 387 -20.00 -5.83 18.19
CA ASP A 387 -21.13 -6.73 17.94
C ASP A 387 -20.74 -8.20 17.91
N PHE A 388 -19.46 -8.50 18.07
CA PHE A 388 -18.97 -9.85 17.86
C PHE A 388 -19.58 -10.85 18.84
N ASN A 389 -19.59 -10.50 20.12
CA ASN A 389 -20.08 -11.41 21.15
C ASN A 389 -21.59 -11.58 21.12
N THR A 390 -22.28 -10.74 20.35
CA THR A 390 -23.72 -10.80 20.26
C THR A 390 -24.13 -11.34 18.89
N ASP A 391 -23.14 -11.56 18.04
CA ASP A 391 -23.32 -12.15 16.72
C ASP A 391 -23.76 -13.62 16.83
N PRO A 392 -24.90 -13.97 16.25
CA PRO A 392 -25.44 -15.33 16.33
C PRO A 392 -24.56 -16.38 15.63
N TYR A 393 -23.93 -15.99 14.53
CA TYR A 393 -23.05 -16.89 13.80
C TYR A 393 -21.75 -17.11 14.58
N VAL A 394 -21.26 -16.06 15.22
CA VAL A 394 -20.05 -16.15 16.04
C VAL A 394 -20.29 -17.03 17.27
N ARG A 395 -21.46 -16.88 17.88
CA ARG A 395 -21.80 -17.67 19.06
C ARG A 395 -22.12 -19.11 18.68
N GLU A 396 -22.61 -19.31 17.46
CA GLU A 396 -22.85 -20.66 16.94
C GLU A 396 -21.58 -21.49 16.98
N PHE A 397 -20.44 -20.84 16.71
CA PHE A 397 -19.15 -21.52 16.73
C PHE A 397 -18.41 -21.26 18.04
N GLY A 398 -19.16 -20.92 19.08
CA GLY A 398 -18.61 -20.80 20.43
C GLY A 398 -17.44 -19.85 20.59
N ILE A 399 -17.46 -18.76 19.83
CA ILE A 399 -16.36 -17.80 19.86
C ILE A 399 -16.69 -16.57 20.70
N MET A 400 -15.70 -16.09 21.47
CA MET A 400 -15.84 -14.88 22.25
C MET A 400 -14.66 -13.95 22.01
N VAL A 401 -14.91 -12.64 22.00
CA VAL A 401 -13.85 -11.66 21.77
C VAL A 401 -13.75 -10.65 22.92
N LYS A 402 -12.53 -10.44 23.41
CA LYS A 402 -12.26 -9.49 24.48
C LYS A 402 -12.46 -8.04 24.00
N ASP A 403 -12.89 -7.16 24.91
CA ASP A 403 -13.18 -5.78 24.56
C ASP A 403 -11.96 -4.86 24.57
N GLU A 404 -10.95 -5.20 25.37
CA GLU A 404 -9.78 -4.34 25.53
C GLU A 404 -8.61 -4.74 24.65
N MET A 405 -7.84 -3.75 24.21
CA MET A 405 -6.61 -3.99 23.44
C MET A 405 -5.63 -4.85 24.23
N THR A 406 -4.76 -5.55 23.52
CA THR A 406 -3.82 -6.42 24.21
C THR A 406 -2.66 -5.60 24.77
N ASP A 407 -2.37 -5.77 26.06
CA ASP A 407 -1.20 -5.13 26.66
C ASP A 407 0.05 -5.87 26.21
N VAL A 408 1.02 -5.14 25.65
CA VAL A 408 2.25 -5.74 25.18
C VAL A 408 3.45 -4.99 25.73
N THR A 409 4.48 -5.69 26.16
CA THR A 409 5.70 -5.01 26.56
C THR A 409 6.67 -4.98 25.38
N GLY A 410 6.98 -3.77 24.93
CA GLY A 410 7.91 -3.61 23.83
C GLY A 410 9.29 -3.21 24.33
N ARG A 411 10.24 -3.16 23.40
CA ARG A 411 11.59 -2.71 23.73
C ARG A 411 12.04 -1.66 22.72
N VAL A 412 12.46 -0.51 23.24
CA VAL A 412 13.08 0.54 22.43
C VAL A 412 14.56 0.24 22.30
N LEU A 413 14.98 -0.13 21.10
CA LEU A 413 16.37 -0.47 20.85
C LEU A 413 17.25 0.77 20.88
N GLN A 414 18.51 0.57 21.24
CA GLN A 414 19.49 1.65 21.21
C GLN A 414 19.85 1.97 19.76
N PRO A 415 19.81 3.27 19.40
CA PRO A 415 20.18 3.67 18.04
C PRO A 415 21.69 3.59 17.84
N PRO A 416 22.13 3.33 16.60
CA PRO A 416 23.56 3.31 16.30
C PRO A 416 24.10 4.72 16.20
N SER A 417 25.39 4.91 16.45
CA SER A 417 26.00 6.21 16.22
C SER A 417 26.38 6.31 14.74
N ILE A 418 26.41 7.53 14.23
CA ILE A 418 26.71 7.75 12.82
C ILE A 418 28.02 8.52 12.64
N LEU A 419 28.99 7.89 11.96
CA LEU A 419 30.32 8.47 11.83
C LEU A 419 30.48 9.26 10.53
N TYR A 420 30.95 10.50 10.66
CA TYR A 420 31.18 11.36 9.51
C TYR A 420 32.67 11.58 9.25
N GLY A 421 32.99 12.42 8.29
CA GLY A 421 34.37 12.65 7.89
C GLY A 421 34.91 14.02 8.23
N GLY A 422 35.66 14.59 7.29
CA GLY A 422 36.34 15.86 7.52
C GLY A 422 37.51 15.66 8.46
N ARG A 423 37.98 16.76 9.04
CA ARG A 423 39.08 16.68 10.02
C ARG A 423 38.53 16.32 11.39
N ASN A 424 37.32 16.78 11.68
CA ASN A 424 36.68 16.54 12.96
C ASN A 424 36.22 15.10 13.14
N LYS A 425 35.86 14.46 12.04
CA LYS A 425 35.30 13.11 12.06
C LYS A 425 34.13 13.04 13.04
N ALA A 426 33.24 14.01 12.93
CA ALA A 426 32.12 14.16 13.87
C ALA A 426 31.26 12.90 13.95
N ILE A 427 30.73 12.66 15.15
CA ILE A 427 29.85 11.53 15.38
C ILE A 427 28.47 12.00 15.81
N ALA A 428 27.45 11.65 15.03
CA ALA A 428 26.09 12.03 15.34
C ALA A 428 25.37 10.95 16.13
N THR A 429 24.53 11.37 17.06
CA THR A 429 23.70 10.44 17.80
C THR A 429 22.23 10.71 17.49
N PRO A 430 21.58 9.76 16.82
CA PRO A 430 20.16 9.91 16.46
C PRO A 430 19.29 10.06 17.71
N VAL A 431 18.56 11.15 17.78
CA VAL A 431 17.59 11.34 18.84
C VAL A 431 16.21 11.21 18.24
N GLN A 432 15.45 10.24 18.73
CA GLN A 432 14.12 9.94 18.22
C GLN A 432 14.14 9.73 16.71
N GLY A 433 15.16 9.01 16.24
CA GLY A 433 15.27 8.65 14.83
C GLY A 433 15.69 9.77 13.90
N VAL A 434 16.26 10.84 14.46
CA VAL A 434 16.64 12.00 13.67
C VAL A 434 18.01 12.55 14.08
N TRP A 435 18.84 12.90 13.10
CA TRP A 435 20.05 13.67 13.38
C TRP A 435 20.27 14.68 12.25
N ASP A 436 21.34 15.48 12.36
CA ASP A 436 21.60 16.52 11.36
C ASP A 436 23.08 16.61 11.00
N MET A 437 23.38 17.47 10.02
CA MET A 437 24.73 17.59 9.49
C MET A 437 25.47 18.86 9.90
N ARG A 438 24.93 19.60 10.86
CA ARG A 438 25.60 20.80 11.33
C ARG A 438 26.95 20.47 11.94
N ASN A 439 27.98 21.19 11.51
CA ASN A 439 29.36 20.96 11.93
C ASN A 439 29.83 19.55 11.58
N LYS A 440 29.27 18.99 10.51
CA LYS A 440 29.65 17.65 10.07
C LYS A 440 29.91 17.63 8.57
N GLN A 441 30.89 16.83 8.16
CA GLN A 441 31.22 16.70 6.74
C GLN A 441 31.19 15.23 6.34
N PHE A 442 30.93 14.97 5.07
CA PHE A 442 30.82 13.61 4.55
C PHE A 442 32.05 12.77 4.86
N HIS A 443 31.83 11.48 5.12
CA HIS A 443 32.90 10.52 5.36
C HIS A 443 33.86 10.49 4.17
N THR A 444 33.29 10.63 2.98
CA THR A 444 34.06 10.73 1.76
C THR A 444 33.36 11.68 0.80
N GLY A 445 33.74 12.95 0.85
CA GLY A 445 33.15 13.96 0.00
C GLY A 445 33.80 14.00 -1.37
N ILE A 446 32.99 14.26 -2.39
CA ILE A 446 33.50 14.37 -3.76
C ILE A 446 33.72 15.83 -4.12
N GLU A 447 34.89 16.12 -4.68
CA GLU A 447 35.18 17.46 -5.17
C GLU A 447 34.58 17.62 -6.56
N ILE A 448 33.60 18.50 -6.69
CA ILE A 448 32.91 18.70 -7.95
C ILE A 448 33.58 19.83 -8.73
N LYS A 449 34.39 19.44 -9.71
CA LYS A 449 35.15 20.38 -10.52
C LYS A 449 34.36 20.83 -11.75
N VAL A 450 33.86 19.85 -12.51
CA VAL A 450 33.16 20.13 -13.75
C VAL A 450 31.68 19.73 -13.67
N TRP A 451 30.80 20.72 -13.82
CA TRP A 451 29.37 20.46 -13.79
C TRP A 451 28.60 21.47 -14.63
N ALA A 452 27.43 21.06 -15.11
CA ALA A 452 26.64 21.90 -16.00
C ALA A 452 25.23 22.14 -15.47
N ILE A 453 24.52 23.08 -16.09
CA ILE A 453 23.15 23.39 -15.72
C ILE A 453 22.26 23.48 -16.96
N ALA A 454 21.25 22.63 -17.00
CA ALA A 454 20.26 22.64 -18.07
C ALA A 454 18.90 23.02 -17.51
N CYS A 455 18.43 24.21 -17.88
CA CYS A 455 17.16 24.71 -17.38
C CYS A 455 16.04 24.50 -18.40
N PHE A 456 15.12 23.61 -18.08
CA PHE A 456 13.98 23.34 -18.96
C PHE A 456 12.77 24.17 -18.54
N ALA A 457 13.01 25.19 -17.73
CA ALA A 457 11.98 26.12 -17.30
C ALA A 457 12.10 27.44 -18.05
N PRO A 458 10.96 28.14 -18.24
CA PRO A 458 10.97 29.42 -18.97
C PRO A 458 11.91 30.45 -18.35
N GLN A 459 12.72 31.09 -19.20
CA GLN A 459 13.72 32.05 -18.73
C GLN A 459 13.09 33.23 -17.99
N ARG A 460 11.94 33.68 -18.49
CA ARG A 460 11.24 34.80 -17.88
C ARG A 460 10.58 34.41 -16.56
N GLN A 461 10.61 33.11 -16.25
CA GLN A 461 10.01 32.60 -15.04
C GLN A 461 11.08 32.08 -14.06
N CYS A 462 12.17 31.59 -14.63
CA CYS A 462 13.33 31.17 -13.85
C CYS A 462 14.54 31.93 -14.34
N THR A 463 14.66 33.19 -13.92
CA THR A 463 15.64 34.12 -14.46
C THR A 463 17.08 33.72 -14.18
N GLU A 464 18.02 34.48 -14.75
CA GLU A 464 19.44 34.22 -14.57
C GLU A 464 19.88 34.41 -13.13
N VAL A 465 19.35 35.46 -12.48
CA VAL A 465 19.73 35.75 -11.10
C VAL A 465 19.24 34.65 -10.15
N HIS A 466 18.14 34.01 -10.53
CA HIS A 466 17.65 32.84 -9.79
C HIS A 466 18.67 31.73 -9.81
N LEU A 467 19.16 31.43 -11.01
CA LEU A 467 20.14 30.37 -11.21
C LEU A 467 21.46 30.69 -10.50
N LYS A 468 21.84 31.97 -10.54
CA LYS A 468 23.08 32.42 -9.91
C LYS A 468 23.02 32.33 -8.38
N SER A 469 21.95 32.86 -7.81
CA SER A 469 21.75 32.81 -6.37
C SER A 469 21.65 31.37 -5.87
N PHE A 470 20.88 30.57 -6.60
CA PHE A 470 20.78 29.14 -6.30
C PHE A 470 22.15 28.49 -6.36
N THR A 471 22.96 28.92 -7.33
CA THR A 471 24.29 28.34 -7.53
C THR A 471 25.23 28.66 -6.36
N GLU A 472 25.28 29.92 -5.95
CA GLU A 472 26.18 30.30 -4.87
C GLU A 472 25.72 29.73 -3.53
N GLN A 473 24.41 29.68 -3.31
CA GLN A 473 23.88 29.09 -2.08
C GLN A 473 24.16 27.59 -2.03
N LEU A 474 23.96 26.93 -3.17
CA LEU A 474 24.26 25.50 -3.27
C LEU A 474 25.74 25.24 -3.06
N ARG A 475 26.59 26.12 -3.55
CA ARG A 475 28.03 25.97 -3.36
C ARG A 475 28.41 26.18 -1.89
N LYS A 476 27.71 27.11 -1.24
CA LYS A 476 27.94 27.35 0.18
C LYS A 476 27.61 26.11 0.99
N ILE A 477 26.40 25.59 0.79
CA ILE A 477 25.94 24.38 1.49
C ILE A 477 26.85 23.19 1.19
N SER A 478 27.23 23.03 -0.07
CA SER A 478 28.06 21.91 -0.49
C SER A 478 29.45 21.98 0.14
N ARG A 479 30.02 23.18 0.19
CA ARG A 479 31.31 23.36 0.84
C ARG A 479 31.21 23.06 2.33
N ASP A 480 30.10 23.47 2.95
CA ASP A 480 29.89 23.17 4.37
C ASP A 480 29.76 21.68 4.62
N ALA A 481 29.16 20.97 3.66
CA ALA A 481 28.87 19.54 3.83
C ALA A 481 30.07 18.65 3.51
N GLY A 482 31.16 19.25 3.04
CA GLY A 482 32.34 18.50 2.70
C GLY A 482 32.31 17.96 1.27
N MET A 483 31.41 18.50 0.46
CA MET A 483 31.32 18.14 -0.95
C MET A 483 31.53 19.40 -1.79
N PRO A 484 32.76 19.92 -1.80
CA PRO A 484 33.04 21.26 -2.34
C PRO A 484 32.82 21.39 -3.85
N ILE A 485 31.84 22.21 -4.22
CA ILE A 485 31.68 22.65 -5.60
C ILE A 485 32.49 23.91 -5.78
N GLN A 486 33.77 23.74 -6.10
CA GLN A 486 34.73 24.82 -6.07
C GLN A 486 34.85 25.56 -7.40
N GLY A 487 33.71 25.88 -8.00
CA GLY A 487 33.72 26.63 -9.24
C GLY A 487 32.34 26.79 -9.86
N GLN A 488 32.20 27.82 -10.69
CA GLN A 488 30.97 28.06 -11.42
C GLN A 488 30.73 26.96 -12.46
N PRO A 489 29.47 26.77 -12.88
CA PRO A 489 29.19 25.76 -13.90
C PRO A 489 29.82 26.09 -15.24
N CYS A 490 30.45 25.12 -15.88
CA CYS A 490 31.12 25.33 -17.16
C CYS A 490 30.11 25.45 -18.31
N PHE A 491 28.84 25.26 -17.97
CA PHE A 491 27.76 25.29 -18.94
C PHE A 491 26.47 25.64 -18.22
N CYS A 492 25.65 26.49 -18.83
CA CYS A 492 24.37 26.86 -18.23
C CYS A 492 23.42 27.41 -19.30
N LYS A 493 22.57 26.55 -19.83
CA LYS A 493 21.67 26.97 -20.90
C LYS A 493 20.20 26.67 -20.60
N TYR A 494 19.33 27.45 -21.20
CA TYR A 494 17.90 27.20 -21.13
C TYR A 494 17.50 26.26 -22.26
N ALA A 495 16.44 25.50 -22.04
CA ALA A 495 15.97 24.57 -23.05
C ALA A 495 14.50 24.25 -22.90
N GLN A 496 13.97 23.58 -23.91
CA GLN A 496 12.57 23.19 -23.93
C GLN A 496 12.40 21.96 -24.81
N GLY A 497 11.70 20.97 -24.26
CA GLY A 497 11.43 19.75 -24.99
C GLY A 497 12.33 18.60 -24.57
N ALA A 498 11.71 17.44 -24.34
CA ALA A 498 12.44 16.21 -24.04
C ALA A 498 13.34 15.84 -25.21
N ASP A 499 12.90 16.17 -26.41
CA ASP A 499 13.65 15.91 -27.63
C ASP A 499 14.99 16.64 -27.63
N SER A 500 15.12 17.62 -26.74
CA SER A 500 16.34 18.41 -26.64
C SER A 500 17.33 17.83 -25.63
N VAL A 501 16.87 16.84 -24.86
CA VAL A 501 17.70 16.30 -23.79
C VAL A 501 18.94 15.56 -24.31
N GLU A 502 18.71 14.53 -25.12
CA GLU A 502 19.81 13.71 -25.63
C GLU A 502 20.81 14.48 -26.50
N PRO A 503 20.33 15.34 -27.44
CA PRO A 503 21.33 16.09 -28.20
C PRO A 503 22.19 17.00 -27.31
N MET A 504 21.60 17.58 -26.28
CA MET A 504 22.35 18.43 -25.37
C MET A 504 23.34 17.63 -24.52
N PHE A 505 22.85 16.55 -23.90
CA PHE A 505 23.68 15.75 -23.02
C PHE A 505 24.88 15.18 -23.76
N ARG A 506 24.64 14.65 -24.95
CA ARG A 506 25.73 14.19 -25.80
C ARG A 506 26.71 15.32 -26.07
N HIS A 507 26.16 16.50 -26.36
CA HIS A 507 26.99 17.68 -26.59
C HIS A 507 27.81 18.01 -25.35
N LEU A 508 27.23 17.75 -24.18
CA LEU A 508 27.92 17.99 -22.93
C LEU A 508 29.01 16.94 -22.70
N LYS A 509 28.79 15.75 -23.26
CA LYS A 509 29.72 14.64 -23.06
C LYS A 509 31.01 14.85 -23.85
N ASN A 510 30.93 15.55 -24.97
CA ASN A 510 32.10 15.79 -25.82
C ASN A 510 32.76 17.14 -25.55
N THR A 511 31.96 18.17 -25.31
CA THR A 511 32.47 19.52 -25.19
C THR A 511 33.32 19.72 -23.94
N TYR A 512 32.91 19.07 -22.85
CA TYR A 512 33.54 19.31 -21.55
C TYR A 512 34.18 18.04 -20.99
N ALA A 513 35.50 18.05 -20.90
CA ALA A 513 36.27 16.87 -20.52
C ALA A 513 35.86 16.30 -19.18
N GLY A 514 35.12 15.21 -19.17
CA GLY A 514 34.76 14.54 -17.94
C GLY A 514 34.04 15.43 -16.94
N LEU A 515 32.83 15.85 -17.28
CA LEU A 515 32.00 16.49 -16.28
C LEU A 515 31.62 15.44 -15.24
N GLN A 516 31.12 15.88 -14.10
CA GLN A 516 30.73 14.95 -13.08
C GLN A 516 29.23 14.95 -12.86
N LEU A 517 28.60 16.09 -13.14
CA LEU A 517 27.18 16.26 -12.83
C LEU A 517 26.50 17.24 -13.77
N VAL A 518 25.28 16.89 -14.16
CA VAL A 518 24.41 17.84 -14.87
C VAL A 518 23.17 18.11 -14.03
N VAL A 519 23.03 19.37 -13.61
CA VAL A 519 21.89 19.81 -12.83
C VAL A 519 20.78 20.27 -13.76
N VAL A 520 19.62 19.63 -13.68
CA VAL A 520 18.52 19.91 -14.59
C VAL A 520 17.34 20.56 -13.87
N ILE A 521 16.97 21.77 -14.28
CA ILE A 521 15.85 22.48 -13.66
C ILE A 521 14.55 22.17 -14.39
N LEU A 522 13.57 21.68 -13.64
CA LEU A 522 12.30 21.23 -14.22
C LEU A 522 11.12 22.09 -13.77
N PRO A 523 10.22 22.40 -14.70
CA PRO A 523 9.00 23.16 -14.44
C PRO A 523 7.82 22.27 -14.09
N GLY A 524 7.94 21.47 -13.04
CA GLY A 524 6.88 20.58 -12.61
C GLY A 524 6.92 19.26 -13.32
N LYS A 525 5.80 18.53 -13.28
CA LYS A 525 5.70 17.23 -13.92
C LYS A 525 5.82 17.35 -15.43
N THR A 526 6.74 16.59 -16.00
CA THR A 526 7.01 16.66 -17.44
C THR A 526 7.80 15.43 -17.92
N PRO A 527 7.54 15.00 -19.17
CA PRO A 527 8.23 13.86 -19.78
C PRO A 527 9.76 14.05 -19.89
N VAL A 528 10.21 15.30 -19.78
CA VAL A 528 11.64 15.58 -19.90
C VAL A 528 12.40 15.01 -18.72
N TYR A 529 11.71 14.74 -17.61
CA TYR A 529 12.37 14.12 -16.46
C TYR A 529 12.68 12.67 -16.78
N ALA A 530 11.69 11.97 -17.32
CA ALA A 530 11.85 10.59 -17.73
C ALA A 530 12.93 10.49 -18.80
N GLU A 531 12.92 11.45 -19.73
CA GLU A 531 13.91 11.46 -20.79
C GLU A 531 15.32 11.74 -20.25
N VAL A 532 15.41 12.64 -19.27
CA VAL A 532 16.68 12.97 -18.65
C VAL A 532 17.26 11.75 -17.94
N LYS A 533 16.39 11.01 -17.24
CA LYS A 533 16.85 9.81 -16.56
C LYS A 533 17.22 8.69 -17.54
N ARG A 534 16.47 8.59 -18.64
CA ARG A 534 16.77 7.57 -19.64
C ARG A 534 18.12 7.84 -20.30
N VAL A 535 18.31 9.07 -20.76
CA VAL A 535 19.55 9.47 -21.40
C VAL A 535 20.74 9.38 -20.45
N GLY A 536 20.57 9.93 -19.26
CA GLY A 536 21.64 9.95 -18.26
C GLY A 536 22.04 8.57 -17.77
N ASP A 537 21.07 7.74 -17.42
CA ASP A 537 21.36 6.45 -16.80
C ASP A 537 21.64 5.34 -17.80
N THR A 538 20.93 5.33 -18.93
CA THR A 538 20.98 4.16 -19.81
C THR A 538 21.82 4.32 -21.08
N VAL A 539 21.81 5.51 -21.69
CA VAL A 539 22.47 5.65 -22.99
C VAL A 539 23.81 6.39 -22.95
N LEU A 540 24.08 7.13 -21.89
CA LEU A 540 25.31 7.92 -21.83
C LEU A 540 26.15 7.68 -20.58
N GLY A 541 25.49 7.33 -19.48
CA GLY A 541 26.19 7.13 -18.23
C GLY A 541 26.66 8.45 -17.63
N MET A 542 25.75 9.41 -17.53
CA MET A 542 26.07 10.70 -16.93
C MET A 542 25.25 10.92 -15.67
N ALA A 543 25.91 11.30 -14.58
CA ALA A 543 25.22 11.59 -13.34
C ALA A 543 24.38 12.86 -13.49
N THR A 544 23.11 12.76 -13.16
CA THR A 544 22.19 13.88 -13.32
C THR A 544 21.41 14.16 -12.05
N GLN A 545 21.24 15.44 -11.73
CA GLN A 545 20.46 15.83 -10.56
C GLN A 545 19.38 16.83 -10.95
N CYS A 546 18.13 16.40 -10.89
CA CYS A 546 17.01 17.26 -11.23
C CYS A 546 16.51 18.04 -10.01
N VAL A 547 16.21 19.31 -10.24
CA VAL A 547 15.64 20.17 -9.21
C VAL A 547 14.42 20.87 -9.79
N GLN A 548 13.31 20.82 -9.06
CA GLN A 548 12.09 21.48 -9.51
C GLN A 548 12.29 22.99 -9.48
N MET A 549 11.64 23.69 -10.40
CA MET A 549 11.81 25.13 -10.55
C MET A 549 11.55 25.91 -9.27
N LYS A 550 10.49 25.51 -8.54
CA LYS A 550 10.09 26.20 -7.32
C LYS A 550 11.20 26.21 -6.28
N ASN A 551 12.08 25.22 -6.33
CA ASN A 551 13.15 25.09 -5.35
C ASN A 551 14.42 25.81 -5.78
N VAL A 552 14.38 26.43 -6.95
CA VAL A 552 15.50 27.22 -7.44
C VAL A 552 15.26 28.68 -7.14
N GLN A 553 14.02 29.12 -7.33
CA GLN A 553 13.61 30.48 -7.03
C GLN A 553 13.73 30.78 -5.53
N ARG A 554 13.13 29.92 -4.73
CA ARG A 554 13.18 30.05 -3.27
C ARG A 554 13.82 28.80 -2.65
N THR A 555 15.04 28.96 -2.16
CA THR A 555 15.79 27.82 -1.63
C THR A 555 15.89 27.87 -0.12
N THR A 556 16.03 26.71 0.50
CA THR A 556 16.25 26.61 1.94
C THR A 556 17.47 25.75 2.21
N PRO A 557 18.21 26.05 3.29
CA PRO A 557 19.40 25.28 3.65
C PRO A 557 19.15 23.78 3.80
N GLN A 558 18.00 23.40 4.34
CA GLN A 558 17.65 21.98 4.46
C GLN A 558 17.54 21.31 3.10
N THR A 559 16.79 21.93 2.20
CA THR A 559 16.58 21.40 0.85
C THR A 559 17.91 21.25 0.12
N LEU A 560 18.75 22.28 0.23
CA LEU A 560 20.06 22.26 -0.41
C LEU A 560 20.95 21.16 0.19
N SER A 561 20.81 20.96 1.50
CA SER A 561 21.59 19.95 2.20
C SER A 561 21.22 18.54 1.74
N ASN A 562 19.92 18.26 1.72
CA ASN A 562 19.42 16.97 1.25
C ASN A 562 19.80 16.72 -0.21
N LEU A 563 19.70 17.79 -1.00
CA LEU A 563 20.13 17.76 -2.39
C LEU A 563 21.59 17.33 -2.46
N CYS A 564 22.41 17.88 -1.56
CA CYS A 564 23.83 17.52 -1.52
C CYS A 564 24.05 16.08 -1.10
N LEU A 565 23.21 15.55 -0.23
CA LEU A 565 23.26 14.13 0.11
C LEU A 565 23.12 13.29 -1.16
N LYS A 566 22.06 13.59 -1.92
CA LYS A 566 21.83 12.90 -3.18
C LYS A 566 23.02 13.02 -4.13
N ILE A 567 23.48 14.25 -4.34
CA ILE A 567 24.55 14.52 -5.31
C ILE A 567 25.85 13.80 -4.94
N ASN A 568 26.20 13.86 -3.66
CA ASN A 568 27.40 13.19 -3.19
C ASN A 568 27.29 11.69 -3.41
N VAL A 569 26.14 11.11 -3.10
CA VAL A 569 25.96 9.68 -3.33
C VAL A 569 26.06 9.32 -4.82
N LYS A 570 25.47 10.14 -5.68
CA LYS A 570 25.48 9.87 -7.12
C LYS A 570 26.87 9.98 -7.75
N LEU A 571 27.79 10.63 -7.05
CA LEU A 571 29.13 10.84 -7.59
C LEU A 571 30.14 9.86 -6.99
N GLY A 572 29.65 8.91 -6.21
CA GLY A 572 30.48 7.86 -5.66
C GLY A 572 30.92 8.09 -4.23
N GLY A 573 30.50 9.20 -3.65
CA GLY A 573 30.91 9.56 -2.31
C GLY A 573 30.30 8.70 -1.21
N VAL A 574 30.79 8.88 0.00
CA VAL A 574 30.25 8.19 1.17
C VAL A 574 29.79 9.22 2.20
N ASN A 575 28.48 9.40 2.31
CA ASN A 575 27.92 10.42 3.19
C ASN A 575 28.30 10.19 4.65
N ASN A 576 28.10 8.96 5.10
CA ASN A 576 28.40 8.57 6.48
C ASN A 576 28.40 7.06 6.60
N ILE A 577 28.90 6.55 7.71
CA ILE A 577 28.87 5.12 7.98
C ILE A 577 28.37 4.85 9.39
N LEU A 578 27.91 3.63 9.61
CA LEU A 578 27.62 3.17 10.98
C LEU A 578 28.91 3.20 11.77
N LEU A 579 28.83 3.54 13.06
CA LEU A 579 29.98 3.45 13.94
C LEU A 579 30.49 2.01 13.92
N PRO A 580 31.70 1.81 13.39
CA PRO A 580 32.27 0.47 13.20
C PRO A 580 32.17 -0.42 14.44
N GLN A 581 32.56 0.12 15.59
CA GLN A 581 32.56 -0.63 16.84
C GLN A 581 31.16 -0.98 17.33
N GLY A 582 30.15 -0.26 16.85
CA GLY A 582 28.78 -0.45 17.29
C GLY A 582 28.01 -1.49 16.50
N ARG A 583 28.64 -2.02 15.45
CA ARG A 583 28.00 -3.02 14.61
C ARG A 583 27.91 -4.38 15.30
N PRO A 584 26.85 -5.14 15.02
CA PRO A 584 26.70 -6.51 15.51
C PRO A 584 27.80 -7.43 14.97
N PRO A 585 28.12 -8.52 15.68
CA PRO A 585 29.26 -9.39 15.35
C PRO A 585 29.16 -10.06 13.96
N VAL A 586 28.01 -9.98 13.30
CA VAL A 586 27.87 -10.55 11.96
C VAL A 586 28.88 -9.94 10.99
N PHE A 587 29.34 -8.72 11.29
CA PHE A 587 30.29 -8.02 10.43
C PHE A 587 31.74 -8.49 10.65
N GLN A 588 31.94 -9.45 11.56
CA GLN A 588 33.28 -9.97 11.79
C GLN A 588 33.74 -10.85 10.63
N GLN A 589 32.79 -11.23 9.78
CA GLN A 589 33.08 -11.97 8.57
C GLN A 589 32.40 -11.30 7.40
N PRO A 590 32.95 -11.46 6.18
CA PRO A 590 32.34 -10.87 4.98
C PRO A 590 30.87 -11.24 4.83
N VAL A 591 30.02 -10.22 4.68
CA VAL A 591 28.58 -10.41 4.57
C VAL A 591 27.99 -9.43 3.57
N ILE A 592 27.11 -9.91 2.70
CA ILE A 592 26.45 -9.03 1.75
C ILE A 592 24.99 -8.85 2.15
N PHE A 593 24.49 -7.62 2.02
CA PHE A 593 23.09 -7.34 2.33
C PHE A 593 22.30 -7.08 1.07
N LEU A 594 21.32 -7.95 0.82
CA LEU A 594 20.50 -7.84 -0.37
C LEU A 594 19.13 -7.26 -0.05
N GLY A 595 18.62 -6.45 -0.96
CA GLY A 595 17.25 -5.97 -0.88
C GLY A 595 16.56 -6.34 -2.18
N ALA A 596 15.33 -6.82 -2.11
CA ALA A 596 14.62 -7.20 -3.31
C ALA A 596 13.18 -6.73 -3.29
N ASP A 597 12.69 -6.27 -4.43
CA ASP A 597 11.33 -5.79 -4.52
C ASP A 597 10.80 -5.99 -5.93
N VAL A 598 9.48 -6.15 -6.04
CA VAL A 598 8.84 -6.22 -7.33
C VAL A 598 7.67 -5.23 -7.36
N THR A 599 7.63 -4.41 -8.40
CA THR A 599 6.52 -3.48 -8.57
C THR A 599 5.67 -3.90 -9.76
N HIS A 600 4.37 -3.76 -9.62
CA HIS A 600 3.42 -4.24 -10.62
C HIS A 600 2.61 -3.13 -11.24
N PRO A 601 2.22 -3.30 -12.51
CA PRO A 601 1.27 -2.39 -13.15
C PRO A 601 -0.14 -2.63 -12.61
N PRO A 602 -0.99 -1.59 -12.60
CA PRO A 602 -2.36 -1.69 -12.07
C PRO A 602 -3.20 -2.76 -12.76
N LYS A 608 2.24 -4.01 -20.33
CA LYS A 608 2.41 -3.59 -18.95
C LYS A 608 3.05 -4.68 -18.10
N PRO A 609 4.39 -4.75 -18.12
CA PRO A 609 5.13 -5.81 -17.42
C PRO A 609 5.41 -5.45 -15.96
N SER A 610 5.84 -6.44 -15.17
CA SER A 610 6.24 -6.17 -13.80
C SER A 610 7.75 -5.93 -13.74
N ILE A 611 8.19 -5.16 -12.75
CA ILE A 611 9.60 -4.83 -12.63
C ILE A 611 10.19 -5.41 -11.37
N ALA A 612 11.22 -6.24 -11.54
CA ALA A 612 11.94 -6.81 -10.40
C ALA A 612 13.24 -6.07 -10.19
N ALA A 613 13.59 -5.84 -8.94
CA ALA A 613 14.82 -5.14 -8.60
C ALA A 613 15.49 -5.79 -7.41
N VAL A 614 16.79 -6.06 -7.54
CA VAL A 614 17.59 -6.59 -6.44
C VAL A 614 18.87 -5.79 -6.30
N VAL A 615 19.11 -5.25 -5.10
CA VAL A 615 20.33 -4.52 -4.82
C VAL A 615 21.18 -5.27 -3.78
N GLY A 616 22.47 -4.97 -3.75
CA GLY A 616 23.37 -5.62 -2.82
C GLY A 616 24.46 -4.69 -2.31
N SER A 617 24.81 -4.84 -1.03
CA SER A 617 25.86 -4.03 -0.43
C SER A 617 27.21 -4.32 -1.08
N MET A 618 28.09 -3.31 -1.12
CA MET A 618 29.38 -3.46 -1.80
C MET A 618 30.56 -3.08 -0.91
N ASP A 619 30.29 -2.88 0.38
CA ASP A 619 31.36 -2.61 1.34
C ASP A 619 30.96 -3.08 2.73
N ALA A 620 31.86 -2.93 3.69
CA ALA A 620 31.67 -3.48 5.02
C ALA A 620 31.08 -2.47 6.01
N HIS A 621 30.64 -1.33 5.51
CA HIS A 621 30.16 -0.26 6.40
C HIS A 621 28.78 -0.56 7.02
N PRO A 622 27.77 -0.95 6.22
CA PRO A 622 27.59 -1.04 4.76
C PRO A 622 26.90 0.20 4.20
N ASN A 623 27.48 0.80 3.17
CA ASN A 623 26.98 2.06 2.66
C ASN A 623 26.58 2.03 1.19
N ARG A 624 27.53 1.68 0.32
CA ARG A 624 27.28 1.71 -1.12
C ARG A 624 26.64 0.42 -1.60
N TYR A 625 25.68 0.57 -2.52
CA TYR A 625 24.93 -0.56 -3.04
C TYR A 625 24.95 -0.60 -4.56
N CYS A 626 25.08 -1.80 -5.10
CA CYS A 626 24.97 -2.01 -6.54
C CYS A 626 23.56 -2.51 -6.85
N ALA A 627 23.08 -2.23 -8.06
CA ALA A 627 21.70 -2.55 -8.42
C ALA A 627 21.59 -3.44 -9.66
N THR A 628 20.61 -4.34 -9.62
CA THR A 628 20.22 -5.12 -10.79
C THR A 628 18.70 -5.03 -10.94
N VAL A 629 18.23 -5.07 -12.17
CA VAL A 629 16.81 -4.95 -12.44
C VAL A 629 16.41 -5.75 -13.67
N ARG A 630 15.30 -6.45 -13.58
CA ARG A 630 14.77 -7.20 -14.71
C ARG A 630 13.32 -6.82 -14.99
N VAL A 631 12.93 -6.93 -16.26
CA VAL A 631 11.54 -6.85 -16.64
C VAL A 631 10.99 -8.27 -16.65
N GLN A 632 9.75 -8.45 -16.22
CA GLN A 632 9.19 -9.79 -16.16
C GLN A 632 7.66 -9.81 -16.32
N GLN A 633 7.12 -11.03 -16.30
CA GLN A 633 5.70 -11.31 -16.53
C GLN A 633 4.75 -10.38 -15.79
N HIS A 634 3.66 -10.02 -16.44
CA HIS A 634 2.63 -9.16 -15.88
C HIS A 634 2.12 -9.68 -14.53
N ARG A 635 2.37 -8.90 -13.49
CA ARG A 635 1.92 -9.20 -12.12
C ARG A 635 2.43 -10.54 -11.60
N GLN A 636 3.68 -10.86 -11.95
CA GLN A 636 4.37 -12.02 -11.38
C GLN A 636 5.19 -11.56 -10.18
N GLU A 637 4.86 -12.06 -9.00
CA GLU A 637 5.52 -11.61 -7.77
C GLU A 637 6.85 -12.30 -7.53
N ILE A 638 6.99 -13.51 -8.07
CA ILE A 638 8.24 -14.25 -7.96
C ILE A 638 9.29 -13.59 -8.85
N ILE A 639 10.47 -13.36 -8.30
CA ILE A 639 11.57 -12.79 -9.07
C ILE A 639 12.11 -13.86 -10.00
N GLN A 640 11.72 -13.77 -11.27
CA GLN A 640 11.98 -14.81 -12.25
C GLN A 640 13.47 -15.04 -12.52
N ASP A 641 14.21 -13.96 -12.71
CA ASP A 641 15.63 -14.06 -13.06
C ASP A 641 16.53 -13.80 -11.86
N LEU A 642 16.13 -14.29 -10.69
CA LEU A 642 16.83 -13.97 -9.45
C LEU A 642 18.25 -14.54 -9.38
N ALA A 643 18.43 -15.76 -9.87
CA ALA A 643 19.74 -16.42 -9.83
C ALA A 643 20.82 -15.56 -10.49
N ALA A 644 20.51 -15.05 -11.68
CA ALA A 644 21.45 -14.21 -12.43
C ALA A 644 21.75 -12.90 -11.72
N MET A 645 20.72 -12.27 -11.16
CA MET A 645 20.87 -10.99 -10.48
C MET A 645 21.75 -11.14 -9.24
N VAL A 646 21.47 -12.17 -8.45
CA VAL A 646 22.28 -12.47 -7.28
C VAL A 646 23.71 -12.80 -7.69
N ARG A 647 23.86 -13.53 -8.79
CA ARG A 647 25.18 -13.86 -9.33
C ARG A 647 25.99 -12.59 -9.60
N GLU A 648 25.38 -11.66 -10.34
CA GLU A 648 26.00 -10.37 -10.64
C GLU A 648 26.39 -9.64 -9.37
N LEU A 649 25.48 -9.61 -8.39
CA LEU A 649 25.74 -8.88 -7.16
C LEU A 649 26.89 -9.48 -6.37
N LEU A 650 26.95 -10.81 -6.29
CA LEU A 650 28.04 -11.50 -5.61
C LEU A 650 29.38 -11.24 -6.29
N ILE A 651 29.38 -11.30 -7.62
CA ILE A 651 30.58 -11.02 -8.40
C ILE A 651 31.06 -9.59 -8.12
N GLN A 652 30.16 -8.62 -8.19
CA GLN A 652 30.50 -7.23 -7.94
C GLN A 652 30.99 -7.02 -6.50
N PHE A 653 30.38 -7.75 -5.57
CA PHE A 653 30.79 -7.72 -4.16
C PHE A 653 32.22 -8.18 -4.02
N TYR A 654 32.57 -9.29 -4.64
CA TYR A 654 33.95 -9.79 -4.59
C TYR A 654 34.89 -8.81 -5.28
N LYS A 655 34.41 -8.14 -6.32
CA LYS A 655 35.23 -7.16 -7.01
C LYS A 655 35.57 -5.99 -6.10
N SER A 656 34.57 -5.56 -5.32
CA SER A 656 34.73 -4.40 -4.45
C SER A 656 35.52 -4.71 -3.16
N THR A 657 35.22 -5.84 -2.53
CA THR A 657 35.77 -6.14 -1.21
C THR A 657 36.95 -7.11 -1.24
N ARG A 658 37.11 -7.81 -2.36
CA ARG A 658 38.10 -8.87 -2.52
C ARG A 658 37.79 -10.06 -1.60
N PHE A 659 36.56 -10.10 -1.10
CA PHE A 659 36.09 -11.22 -0.27
C PHE A 659 34.81 -11.81 -0.84
N LYS A 660 34.66 -13.12 -0.67
CA LYS A 660 33.37 -13.76 -0.93
C LYS A 660 32.56 -13.72 0.36
N PRO A 661 31.26 -13.41 0.26
CA PRO A 661 30.41 -13.36 1.44
C PRO A 661 30.32 -14.70 2.16
N THR A 662 30.49 -14.72 3.47
CA THR A 662 30.28 -15.93 4.24
C THR A 662 28.81 -16.04 4.61
N ARG A 663 28.11 -14.91 4.60
CA ARG A 663 26.68 -14.87 4.87
C ARG A 663 25.96 -13.98 3.87
N ILE A 664 24.71 -14.33 3.58
CA ILE A 664 23.88 -13.54 2.68
C ILE A 664 22.58 -13.17 3.36
N ILE A 665 22.38 -11.89 3.62
CA ILE A 665 21.16 -11.42 4.27
C ILE A 665 20.23 -10.83 3.23
N PHE A 666 19.07 -11.46 3.07
CA PHE A 666 18.15 -11.16 1.97
C PHE A 666 16.84 -10.55 2.49
N TYR A 667 16.69 -9.25 2.30
CA TYR A 667 15.47 -8.55 2.71
C TYR A 667 14.48 -8.46 1.56
N ARG A 668 13.45 -9.31 1.62
CA ARG A 668 12.44 -9.36 0.57
C ARG A 668 11.22 -8.52 0.95
N ALA A 669 10.83 -7.61 0.05
CA ALA A 669 9.72 -6.71 0.33
C ALA A 669 8.51 -7.00 -0.54
N GLY A 670 7.32 -6.79 0.02
CA GLY A 670 6.09 -6.82 -0.75
C GLY A 670 5.57 -8.18 -1.15
N VAL A 671 5.65 -9.15 -0.24
CA VAL A 671 4.98 -10.43 -0.47
C VAL A 671 4.05 -10.74 0.71
N SER A 672 2.97 -11.43 0.41
CA SER A 672 1.99 -11.79 1.44
C SER A 672 2.28 -13.19 1.96
N GLU A 673 1.58 -13.58 3.03
CA GLU A 673 1.78 -14.90 3.63
C GLU A 673 1.32 -16.03 2.70
N GLY A 674 0.33 -15.73 1.87
CA GLY A 674 -0.17 -16.72 0.92
C GLY A 674 0.85 -17.05 -0.16
N GLN A 675 1.83 -16.16 -0.32
CA GLN A 675 2.88 -16.34 -1.31
C GLN A 675 4.17 -16.85 -0.69
N PHE A 676 4.18 -16.97 0.65
CA PHE A 676 5.38 -17.32 1.39
C PHE A 676 6.06 -18.60 0.90
N GLN A 677 5.29 -19.68 0.76
CA GLN A 677 5.88 -20.96 0.39
C GLN A 677 6.47 -20.93 -1.02
N GLN A 678 5.72 -20.40 -1.97
CA GLN A 678 6.17 -20.28 -3.36
C GLN A 678 7.43 -19.44 -3.49
N VAL A 679 7.35 -18.22 -2.98
CA VAL A 679 8.45 -17.27 -3.04
C VAL A 679 9.69 -17.84 -2.34
N LEU A 680 9.51 -18.37 -1.14
CA LEU A 680 10.62 -18.99 -0.42
C LEU A 680 11.27 -20.10 -1.24
N HIS A 681 10.46 -21.03 -1.71
CA HIS A 681 10.93 -22.15 -2.52
C HIS A 681 11.79 -21.67 -3.69
N HIS A 682 11.15 -21.01 -4.65
CA HIS A 682 11.83 -20.63 -5.89
C HIS A 682 12.99 -19.67 -5.68
N GLU A 683 12.81 -18.69 -4.78
CA GLU A 683 13.83 -17.65 -4.61
C GLU A 683 15.02 -18.13 -3.77
N LEU A 684 14.77 -18.89 -2.71
CA LEU A 684 15.88 -19.45 -1.93
C LEU A 684 16.66 -20.45 -2.76
N LEU A 685 15.93 -21.22 -3.57
CA LEU A 685 16.58 -22.12 -4.51
C LEU A 685 17.41 -21.31 -5.52
N ALA A 686 16.92 -20.13 -5.88
CA ALA A 686 17.63 -19.28 -6.85
C ALA A 686 18.93 -18.71 -6.27
N ILE A 687 18.86 -18.26 -5.02
CA ILE A 687 20.04 -17.75 -4.33
C ILE A 687 21.10 -18.84 -4.18
N ARG A 688 20.67 -20.00 -3.70
CA ARG A 688 21.59 -21.12 -3.53
C ARG A 688 22.16 -21.53 -4.89
N GLU A 689 21.34 -21.40 -5.93
CA GLU A 689 21.75 -21.73 -7.29
C GLU A 689 22.85 -20.80 -7.78
N ALA A 690 22.70 -19.51 -7.50
CA ALA A 690 23.73 -18.53 -7.83
C ALA A 690 25.04 -18.90 -7.13
N CYS A 691 24.94 -19.21 -5.84
CA CYS A 691 26.12 -19.58 -5.07
C CYS A 691 26.83 -20.81 -5.63
N ILE A 692 26.08 -21.86 -5.93
CA ILE A 692 26.69 -23.10 -6.41
C ILE A 692 27.14 -23.00 -7.87
N LYS A 693 26.62 -22.02 -8.60
CA LYS A 693 27.04 -21.84 -9.99
C LYS A 693 28.21 -20.85 -10.08
N LEU A 694 28.51 -20.19 -8.96
CA LEU A 694 29.74 -19.40 -8.88
C LEU A 694 30.97 -20.28 -8.61
N GLU A 695 30.94 -21.01 -7.50
CA GLU A 695 32.01 -21.96 -7.19
C GLU A 695 31.45 -23.32 -6.83
N LYS A 696 32.32 -24.33 -6.87
CA LYS A 696 31.90 -25.71 -6.60
C LYS A 696 31.45 -25.88 -5.15
N ASP A 697 32.35 -25.66 -4.21
CA ASP A 697 32.05 -25.92 -2.81
C ASP A 697 31.78 -24.63 -2.02
N TYR A 698 31.04 -23.71 -2.64
CA TYR A 698 30.74 -22.43 -2.01
C TYR A 698 29.30 -22.36 -1.55
N GLN A 699 29.09 -22.57 -0.25
CA GLN A 699 27.75 -22.50 0.32
C GLN A 699 27.70 -21.64 1.58
N PRO A 700 27.48 -20.33 1.39
CA PRO A 700 27.31 -19.40 2.51
C PRO A 700 25.92 -19.51 3.12
N GLY A 701 25.79 -19.10 4.37
CA GLY A 701 24.50 -19.11 5.04
C GLY A 701 23.57 -18.05 4.49
N ILE A 702 22.33 -18.44 4.25
CA ILE A 702 21.33 -17.51 3.73
C ILE A 702 20.27 -17.21 4.79
N THR A 703 20.03 -15.91 5.01
CA THR A 703 18.94 -15.50 5.88
C THR A 703 17.89 -14.75 5.05
N PHE A 704 16.78 -15.42 4.81
CA PHE A 704 15.69 -14.90 4.00
C PHE A 704 14.69 -14.18 4.91
N ILE A 705 14.53 -12.88 4.73
CA ILE A 705 13.67 -12.08 5.59
C ILE A 705 12.65 -11.27 4.80
N VAL A 706 11.37 -11.51 5.05
CA VAL A 706 10.33 -10.75 4.38
C VAL A 706 9.98 -9.49 5.15
N VAL A 707 10.04 -8.35 4.46
CA VAL A 707 9.68 -7.06 5.04
C VAL A 707 8.32 -6.61 4.53
N GLN A 708 7.43 -6.28 5.46
CA GLN A 708 6.09 -5.86 5.08
C GLN A 708 5.63 -4.63 5.86
N LYS A 709 5.25 -3.60 5.13
CA LYS A 709 4.79 -2.36 5.72
C LYS A 709 3.27 -2.26 5.58
N ARG A 710 2.71 -3.11 4.73
CA ARG A 710 1.27 -3.11 4.46
C ARG A 710 0.52 -4.15 5.30
N HIS A 711 0.13 -3.75 6.50
CA HIS A 711 -0.66 -4.58 7.40
C HIS A 711 -1.52 -3.67 8.27
N HIS A 712 -2.20 -4.23 9.26
CA HIS A 712 -3.11 -3.45 10.09
C HIS A 712 -2.75 -3.45 11.56
N THR A 713 -1.49 -3.74 11.86
CA THR A 713 -1.02 -3.76 13.24
C THR A 713 -0.67 -2.34 13.71
N ARG A 714 -1.29 -1.92 14.80
CA ARG A 714 -1.04 -0.59 15.36
C ARG A 714 -0.60 -0.70 16.81
N LEU A 715 0.45 0.04 17.16
CA LEU A 715 0.99 0.04 18.50
C LEU A 715 0.86 1.42 19.14
N PHE A 716 0.41 1.46 20.38
CA PHE A 716 0.21 2.73 21.08
C PHE A 716 0.94 2.75 22.43
N CYS A 717 1.34 3.94 22.86
CA CYS A 717 1.97 4.10 24.17
C CYS A 717 0.92 4.03 25.27
N THR A 718 1.13 3.12 26.23
CA THR A 718 0.26 3.03 27.39
C THR A 718 0.42 4.27 28.27
N ASP A 719 1.66 4.67 28.50
CA ASP A 719 1.94 5.87 29.30
C ASP A 719 2.03 7.11 28.41
N LYS A 720 1.26 8.14 28.76
CA LYS A 720 1.20 9.36 27.96
C LYS A 720 2.55 10.06 27.80
N ASN A 721 3.42 9.90 28.79
CA ASN A 721 4.71 10.58 28.74
C ASN A 721 5.71 9.86 27.84
N GLU A 722 5.30 8.74 27.26
CA GLU A 722 6.14 8.02 26.29
C GLU A 722 5.79 8.43 24.86
N ARG A 723 4.66 9.13 24.69
CA ARG A 723 4.25 9.57 23.36
C ARG A 723 5.25 10.56 22.77
N VAL A 724 5.49 10.47 21.48
CA VAL A 724 6.48 11.32 20.82
C VAL A 724 5.84 12.28 19.82
N GLY A 725 6.13 13.58 19.98
CA GLY A 725 5.68 14.58 19.04
C GLY A 725 4.19 14.88 19.14
N LYS A 726 3.68 15.63 18.17
CA LYS A 726 2.27 16.01 18.15
C LYS A 726 1.38 14.84 17.74
N SER A 727 1.95 13.90 17.00
CA SER A 727 1.21 12.71 16.57
C SER A 727 1.12 11.69 17.71
N GLY A 728 2.02 11.80 18.68
CA GLY A 728 1.98 10.96 19.87
C GLY A 728 2.27 9.49 19.61
N ASN A 729 3.10 9.20 18.61
CA ASN A 729 3.44 7.83 18.27
C ASN A 729 4.49 7.22 19.18
N ILE A 730 4.68 5.92 19.05
CA ILE A 730 5.75 5.22 19.75
C ILE A 730 7.11 5.71 19.26
N PRO A 731 8.13 5.65 20.13
CA PRO A 731 9.47 6.11 19.75
C PRO A 731 10.11 5.24 18.69
N ALA A 732 10.92 5.86 17.83
CA ALA A 732 11.72 5.13 16.85
C ALA A 732 12.55 4.05 17.56
N GLY A 733 12.54 2.85 17.01
CA GLY A 733 13.28 1.75 17.60
C GLY A 733 12.42 0.86 18.46
N THR A 734 11.10 1.06 18.42
CA THR A 734 10.23 0.23 19.26
C THR A 734 10.10 -1.16 18.65
N THR A 735 10.43 -2.18 19.43
CA THR A 735 10.47 -3.55 18.94
C THR A 735 9.50 -4.43 19.70
N VAL A 736 8.73 -5.24 18.97
CA VAL A 736 7.81 -6.19 19.59
C VAL A 736 7.96 -7.57 18.96
N ASP A 737 8.34 -8.55 19.77
CA ASP A 737 8.44 -9.92 19.26
C ASP A 737 7.66 -10.88 20.15
N THR A 738 6.72 -10.34 20.92
CA THR A 738 5.92 -11.15 21.83
C THR A 738 4.42 -10.87 21.73
N LYS A 739 3.63 -11.81 22.26
CA LYS A 739 2.17 -11.68 22.44
C LYS A 739 1.32 -11.55 21.17
N ILE A 740 1.74 -10.74 20.19
CA ILE A 740 0.95 -10.59 18.98
C ILE A 740 1.67 -11.17 17.77
N THR A 741 2.83 -11.76 17.99
CA THR A 741 3.61 -12.34 16.90
C THR A 741 3.30 -13.83 16.75
N HIS A 742 3.94 -14.48 15.80
CA HIS A 742 3.63 -15.88 15.48
C HIS A 742 3.94 -16.82 16.63
N PRO A 743 3.06 -17.80 16.87
CA PRO A 743 3.22 -18.71 18.02
C PRO A 743 4.46 -19.60 17.95
N THR A 744 4.99 -19.86 16.75
CA THR A 744 6.15 -20.74 16.62
C THR A 744 7.28 -20.17 15.76
N GLU A 745 6.93 -19.47 14.69
CA GLU A 745 7.90 -19.00 13.72
C GLU A 745 8.63 -17.74 14.17
N PHE A 746 9.62 -17.33 13.37
CA PHE A 746 10.55 -16.27 13.70
C PHE A 746 10.16 -14.94 13.05
N ASP A 747 9.33 -14.16 13.74
CA ASP A 747 8.91 -12.86 13.23
C ASP A 747 8.93 -11.80 14.31
N PHE A 748 9.00 -10.54 13.90
CA PHE A 748 8.96 -9.42 14.86
C PHE A 748 8.56 -8.11 14.20
N TYR A 749 7.99 -7.22 15.00
CA TYR A 749 7.68 -5.86 14.57
C TYR A 749 8.80 -4.92 14.99
N LEU A 750 9.15 -4.01 14.09
CA LEU A 750 10.11 -2.96 14.37
C LEU A 750 9.64 -1.64 13.79
N CYS A 751 9.38 -0.70 14.68
CA CYS A 751 9.11 0.67 14.28
C CYS A 751 10.42 1.44 14.44
N SER A 752 11.11 1.59 13.31
CA SER A 752 12.44 2.17 13.26
C SER A 752 12.41 3.66 12.97
N HIS A 753 11.25 4.16 12.57
CA HIS A 753 11.11 5.56 12.17
C HIS A 753 10.29 6.37 13.16
N ALA A 754 10.46 7.69 13.11
CA ALA A 754 9.68 8.60 13.94
C ALA A 754 8.38 8.99 13.22
N GLY A 755 7.25 8.78 13.89
CA GLY A 755 5.97 9.13 13.33
C GLY A 755 5.76 10.63 13.27
N ILE A 756 5.79 11.18 12.06
CA ILE A 756 5.61 12.62 11.88
C ILE A 756 4.13 12.98 11.90
N GLN A 757 3.34 12.29 11.07
CA GLN A 757 1.90 12.51 11.05
C GLN A 757 1.13 11.22 11.25
N GLY A 758 -0.12 11.35 11.67
CA GLY A 758 -1.00 10.21 11.85
C GLY A 758 -0.46 9.18 12.81
N THR A 759 -0.81 7.92 12.57
CA THR A 759 -0.32 6.83 13.39
C THR A 759 0.74 6.05 12.62
N SER A 760 1.86 5.76 13.26
CA SER A 760 2.96 5.07 12.61
C SER A 760 2.55 3.68 12.15
N ARG A 761 3.22 3.19 11.11
CA ARG A 761 3.03 1.83 10.65
C ARG A 761 4.33 1.06 10.88
N PRO A 762 4.40 0.31 11.99
CA PRO A 762 5.61 -0.46 12.32
C PRO A 762 5.89 -1.52 11.27
N SER A 763 7.12 -1.60 10.79
CA SER A 763 7.42 -2.60 9.77
C SER A 763 7.39 -3.98 10.41
N HIS A 764 6.92 -4.96 9.65
CA HIS A 764 6.94 -6.34 10.12
C HIS A 764 8.00 -7.14 9.38
N TYR A 765 8.71 -7.98 10.12
CA TYR A 765 9.78 -8.80 9.56
C TYR A 765 9.54 -10.27 9.87
N HIS A 766 9.53 -11.09 8.83
CA HIS A 766 9.28 -12.51 9.00
C HIS A 766 10.42 -13.33 8.41
N VAL A 767 11.17 -14.01 9.28
CA VAL A 767 12.31 -14.81 8.84
C VAL A 767 11.88 -16.14 8.26
N LEU A 768 11.93 -16.26 6.94
CA LEU A 768 11.52 -17.49 6.27
C LEU A 768 12.66 -18.50 6.19
N TRP A 769 13.88 -18.06 6.47
CA TRP A 769 15.05 -18.94 6.45
C TRP A 769 16.21 -18.32 7.19
N ASP A 770 16.98 -19.15 7.89
CA ASP A 770 18.14 -18.64 8.62
C ASP A 770 19.21 -19.71 8.84
N ASP A 771 20.12 -19.84 7.88
CA ASP A 771 21.26 -20.76 8.01
C ASP A 771 22.24 -20.25 9.06
N ASN A 772 22.21 -18.95 9.31
CA ASN A 772 23.20 -18.30 10.17
C ASN A 772 22.85 -18.37 11.65
N ARG A 773 21.66 -18.88 11.95
CA ARG A 773 21.19 -19.03 13.33
C ARG A 773 21.32 -17.74 14.13
N PHE A 774 20.77 -16.66 13.59
CA PHE A 774 20.71 -15.39 14.30
C PHE A 774 19.92 -15.52 15.60
N SER A 775 20.36 -14.82 16.63
CA SER A 775 19.53 -14.61 17.80
C SER A 775 18.57 -13.48 17.47
N SER A 776 17.48 -13.36 18.21
CA SER A 776 16.48 -12.32 17.95
C SER A 776 17.08 -10.93 18.12
N ASP A 777 17.82 -10.74 19.20
CA ASP A 777 18.44 -9.46 19.48
C ASP A 777 19.36 -9.04 18.34
N GLU A 778 20.22 -9.94 17.88
CA GLU A 778 21.18 -9.58 16.86
C GLU A 778 20.52 -9.19 15.54
N LEU A 779 19.47 -9.92 15.16
CA LEU A 779 18.79 -9.65 13.90
C LEU A 779 17.97 -8.36 13.98
N GLN A 780 17.31 -8.15 15.12
CA GLN A 780 16.53 -6.93 15.33
C GLN A 780 17.45 -5.71 15.31
N ILE A 781 18.55 -5.80 16.05
CA ILE A 781 19.53 -4.73 16.13
C ILE A 781 20.16 -4.46 14.75
N LEU A 782 20.45 -5.53 14.02
CA LEU A 782 20.99 -5.42 12.66
C LEU A 782 20.04 -4.66 11.75
N THR A 783 18.79 -5.09 11.74
CA THR A 783 17.74 -4.44 10.94
C THR A 783 17.62 -2.95 11.29
N TYR A 784 17.57 -2.67 12.59
CA TYR A 784 17.45 -1.29 13.06
C TYR A 784 18.62 -0.44 12.57
N GLN A 785 19.83 -0.98 12.69
CA GLN A 785 21.02 -0.26 12.24
C GLN A 785 20.99 -0.04 10.72
N LEU A 786 20.49 -1.04 10.00
CA LEU A 786 20.38 -0.92 8.54
C LEU A 786 19.37 0.15 8.14
N CYS A 787 18.43 0.46 9.04
CA CYS A 787 17.50 1.56 8.79
C CYS A 787 18.15 2.95 8.94
N HIS A 788 19.39 2.98 9.43
CA HIS A 788 20.11 4.24 9.60
C HIS A 788 21.14 4.49 8.51
N THR A 789 21.18 3.62 7.51
CA THR A 789 22.20 3.73 6.46
C THR A 789 21.61 4.31 5.18
N TYR A 790 20.33 4.67 5.22
CA TYR A 790 19.66 5.28 4.09
C TYR A 790 20.24 6.67 3.84
N VAL A 791 20.77 6.88 2.63
CA VAL A 791 21.62 8.02 2.35
C VAL A 791 20.87 9.30 1.94
N ARG A 792 19.58 9.18 1.65
CA ARG A 792 18.83 10.33 1.16
C ARG A 792 18.33 11.24 2.27
N CYS A 793 18.59 10.85 3.51
CA CYS A 793 18.19 11.69 4.64
C CYS A 793 18.94 11.30 5.92
N THR A 794 19.13 12.27 6.80
CA THR A 794 19.74 12.04 8.10
C THR A 794 18.67 11.62 9.10
N ARG A 795 17.92 10.60 8.73
CA ARG A 795 16.87 10.06 9.58
C ARG A 795 16.87 8.55 9.51
N SER A 796 16.29 7.93 10.52
CA SER A 796 16.00 6.51 10.48
C SER A 796 14.73 6.29 9.67
N VAL A 797 14.79 5.41 8.66
CA VAL A 797 13.63 5.15 7.81
C VAL A 797 12.90 3.87 8.21
N SER A 798 11.70 3.68 7.68
CA SER A 798 10.77 2.65 8.13
C SER A 798 11.18 1.21 7.76
N ILE A 799 12.01 1.07 6.74
CA ILE A 799 12.49 -0.24 6.30
C ILE A 799 14.00 -0.17 6.12
N PRO A 800 14.68 -1.34 6.10
CA PRO A 800 16.14 -1.28 5.90
C PRO A 800 16.49 -0.68 4.55
N ALA A 801 17.60 0.04 4.51
CA ALA A 801 18.10 0.66 3.27
C ALA A 801 18.09 -0.25 2.03
N PRO A 802 18.51 -1.54 2.17
CA PRO A 802 18.45 -2.40 0.97
C PRO A 802 17.07 -2.44 0.30
N ALA A 803 16.03 -2.68 1.09
CA ALA A 803 14.68 -2.78 0.56
C ALA A 803 14.25 -1.48 -0.10
N TYR A 804 14.46 -0.37 0.60
CA TYR A 804 14.12 0.96 0.10
C TYR A 804 14.81 1.23 -1.25
N TYR A 805 16.10 0.92 -1.31
CA TYR A 805 16.88 1.09 -2.53
C TYR A 805 16.30 0.25 -3.67
N ALA A 806 15.93 -1.00 -3.37
CA ALA A 806 15.31 -1.86 -4.39
C ALA A 806 14.05 -1.22 -4.94
N HIS A 807 13.24 -0.68 -4.04
CA HIS A 807 12.04 0.05 -4.43
C HIS A 807 12.36 1.21 -5.38
N LEU A 808 13.35 2.01 -5.00
CA LEU A 808 13.80 3.13 -5.83
C LEU A 808 14.24 2.66 -7.21
N VAL A 809 14.98 1.56 -7.26
CA VAL A 809 15.49 1.00 -8.51
C VAL A 809 14.35 0.60 -9.44
N ALA A 810 13.39 -0.14 -8.90
CA ALA A 810 12.21 -0.52 -9.67
C ALA A 810 11.47 0.70 -10.21
N PHE A 811 11.30 1.71 -9.37
CA PHE A 811 10.60 2.93 -9.78
C PHE A 811 11.36 3.64 -10.92
N ARG A 812 12.68 3.70 -10.81
CA ARG A 812 13.52 4.29 -11.85
C ARG A 812 13.37 3.53 -13.15
N ALA A 813 13.34 2.20 -13.06
CA ALA A 813 13.12 1.34 -14.21
C ALA A 813 11.78 1.68 -14.88
N ARG A 814 10.77 1.93 -14.05
CA ARG A 814 9.47 2.36 -14.57
C ARG A 814 9.63 3.66 -15.35
N TYR A 815 10.48 4.55 -14.86
CA TYR A 815 10.75 5.79 -15.60
C TYR A 815 11.58 5.55 -16.88
N HIS A 816 12.31 4.44 -16.93
CA HIS A 816 13.12 4.13 -18.10
C HIS A 816 12.30 3.52 -19.24
N LEU A 817 11.07 3.12 -18.94
CA LEU A 817 10.22 2.43 -19.91
C LEU A 817 9.17 3.35 -20.52
N VAL A 818 9.43 4.64 -20.53
CA VAL A 818 8.42 5.62 -20.94
C VAL A 818 8.24 5.66 -22.46
N ASP A 819 9.31 5.45 -23.21
CA ASP A 819 9.24 5.46 -24.67
C ASP A 819 8.18 4.49 -25.21
N ASP A 838 8.16 -5.66 -27.53
CA ASP A 838 9.07 -6.80 -27.42
C ASP A 838 9.61 -6.91 -25.99
N HIS A 839 9.74 -8.14 -25.50
CA HIS A 839 10.19 -8.37 -24.13
C HIS A 839 11.65 -7.94 -23.95
N GLN A 840 12.50 -8.35 -24.88
CA GLN A 840 13.93 -8.07 -24.76
C GLN A 840 14.24 -6.62 -25.05
N ALA A 841 13.36 -5.97 -25.82
CA ALA A 841 13.44 -4.54 -26.03
C ALA A 841 13.24 -3.82 -24.70
N LEU A 842 12.21 -4.24 -23.98
CA LEU A 842 11.94 -3.71 -22.64
C LEU A 842 13.07 -4.07 -21.68
N ALA A 843 13.72 -5.20 -21.94
CA ALA A 843 14.82 -5.66 -21.10
C ALA A 843 16.05 -4.77 -21.26
N LYS A 844 16.34 -4.35 -22.49
CA LYS A 844 17.44 -3.44 -22.74
C LYS A 844 17.01 -1.99 -22.53
N ALA A 845 15.72 -1.80 -22.26
CA ALA A 845 15.22 -0.48 -21.91
C ALA A 845 15.47 -0.18 -20.43
N VAL A 846 15.58 -1.22 -19.62
CA VAL A 846 15.84 -1.05 -18.19
C VAL A 846 17.29 -1.37 -17.84
N GLN A 847 18.08 -1.73 -18.84
CA GLN A 847 19.49 -2.01 -18.60
C GLN A 847 20.31 -0.72 -18.69
N VAL A 848 20.95 -0.36 -17.58
CA VAL A 848 21.70 0.89 -17.49
C VAL A 848 23.03 0.80 -18.22
N HIS A 849 23.64 1.97 -18.42
CA HIS A 849 24.92 2.10 -19.10
C HIS A 849 26.03 1.44 -18.29
N GLN A 850 27.16 1.13 -18.94
CA GLN A 850 28.31 0.53 -18.28
C GLN A 850 28.86 1.43 -17.18
N ASP A 851 28.76 2.75 -17.38
CA ASP A 851 29.27 3.72 -16.43
C ASP A 851 28.27 4.01 -15.33
N THR A 852 27.21 3.20 -15.27
CA THR A 852 26.14 3.40 -14.30
C THR A 852 26.01 2.18 -13.39
N LEU A 853 26.46 1.03 -13.88
CA LEU A 853 26.33 -0.24 -13.16
C LEU A 853 26.94 -0.21 -11.75
N ARG A 854 28.09 0.45 -11.62
CA ARG A 854 28.76 0.53 -10.33
C ARG A 854 28.38 1.78 -9.54
N THR A 855 27.29 2.43 -9.93
CA THR A 855 26.88 3.67 -9.29
C THR A 855 25.57 3.53 -8.55
N MET A 856 25.24 4.54 -7.73
CA MET A 856 23.94 4.58 -7.07
C MET A 856 23.06 5.64 -7.72
N TYR A 857 22.76 5.42 -9.00
CA TYR A 857 21.94 6.31 -9.82
C TYR A 857 20.53 6.47 -9.26
N PHE A 858 20.02 5.42 -8.63
CA PHE A 858 18.64 5.38 -8.15
C PHE A 858 18.39 6.35 -7.00
N ALA A 859 19.45 6.83 -6.38
CA ALA A 859 19.34 7.78 -5.27
C ALA A 859 18.71 9.09 -5.73
#